data_7WBP
#
_entry.id   7WBP
#
_cell.length_a   104.238
_cell.length_b   104.238
_cell.length_c   227.178
_cell.angle_alpha   90.000
_cell.angle_beta   90.000
_cell.angle_gamma   90.000
#
_symmetry.space_group_name_H-M   'P 41 21 2'
#
loop_
_entity.id
_entity.type
_entity.pdbx_description
1 polymer 'Angiotensin-converting enzyme 2'
2 polymer 'Spike protein S1'
3 branched 2-acetamido-2-deoxy-beta-D-glucopyranose-(1-4)-2-acetamido-2-deoxy-beta-D-glucopyranose
4 non-polymer 2-acetamido-2-deoxy-beta-D-glucopyranose
5 non-polymer 'ZINC ION'
#
loop_
_entity_poly.entity_id
_entity_poly.type
_entity_poly.pdbx_seq_one_letter_code
_entity_poly.pdbx_strand_id
1 'polypeptide(L)'
;STIEEQAKTFLDKFNHEAEDLFYQSSLASWNYNTNITEENVQNMNNAGDKWSAFLKEQSTLAQMYPLQEIQNLTVKLQLQ
ALQQNGSSVLSEDKSKRLNTILNTMSTIYSTGKVCNPDNPQECLLLEPGLNEIMANSLDYNERLWAWESWRSEVGKQLRP
LYEEYVVLKNEMARANHYEDYGDYWRGDYEVNGVDGYDYSRGQLIEDVEHTFEEIKPLYEHLHAYVRAKLMNAYPSYISP
IGCLPAHLLGDMWGRFWTNLYSLTVPFGQKPNIDVTDAMVDQAWDAQRIFKEAEKFFVSVGLPNMTQGFWENSMLTDPGN
VQKAVCHPTAWDLGKGDFRILMCTKVTMDDFLTAHHEMGHIQYDMAYAAQPFLLRNGANEGFHEAVGEIMSLSAATPKHL
KSIGLLSPDFQEDNETEINFLLKQALTIVGTLPFTYMLEKWRWMVFKGEIPKDQWMKKWWEMKREIVGVVEPVPHDETYC
DPASLFHVSNDYSFIRYYTRTLYQFQFQEALCQAAKHEGPLHKCDISNSTEAGQKLFNMLRLGKSEPWTLALENVVGAKN
MNVRPLLNYFEPLFTWLKDQNKNSFVGWSTDWSPYA
;
A
2 'polypeptide(L)'
;RVQPTESIVRFPNITNLCPFDEVFNATRFASVYAWNRKRISNCVADYSVLYNLAPFFTFKCYGVSPTKLNDLCFTNVYAD
SFVIRGDEVRQIAPGQTGNIADYNYKLPDDFTGCVIAWNSNKLDSKVSGNYNYLYRLFRKSNLKPFERDISTEIYQAGNK
PCNGVAGFNCYFPLRSYSFRPTYGVGHQPYRVVVLSFELLHAPATVCGPKKSTNLVKNKCVNF
;
B
#
# COMPACT_ATOMS: atom_id res chain seq x y z
N SER A 1 -10.68 -32.63 15.90
CA SER A 1 -9.93 -31.45 15.53
C SER A 1 -10.63 -30.20 16.07
N THR A 2 -9.85 -29.31 16.67
CA THR A 2 -10.44 -28.13 17.29
C THR A 2 -10.93 -27.15 16.23
N ILE A 3 -11.63 -26.12 16.70
CA ILE A 3 -12.14 -25.06 15.83
C ILE A 3 -11.02 -24.12 15.41
N GLU A 4 -9.97 -23.98 16.23
CA GLU A 4 -8.81 -23.19 15.83
C GLU A 4 -8.06 -23.87 14.68
N GLU A 5 -7.87 -25.19 14.79
CA GLU A 5 -7.23 -25.93 13.71
C GLU A 5 -8.06 -25.94 12.44
N GLN A 6 -9.39 -25.95 12.58
CA GLN A 6 -10.25 -25.81 11.41
C GLN A 6 -10.08 -24.44 10.77
N ALA A 7 -9.88 -23.41 11.59
CA ALA A 7 -9.70 -22.06 11.06
C ALA A 7 -8.35 -21.92 10.38
N LYS A 8 -7.30 -22.49 10.97
CA LYS A 8 -5.98 -22.46 10.34
C LYS A 8 -6.03 -23.12 8.96
N THR A 9 -6.67 -24.28 8.87
CA THR A 9 -6.79 -24.98 7.59
C THR A 9 -7.64 -24.17 6.61
N PHE A 10 -8.74 -23.59 7.09
CA PHE A 10 -9.56 -22.76 6.22
C PHE A 10 -8.77 -21.58 5.68
N LEU A 11 -8.02 -20.90 6.56
CA LEU A 11 -7.22 -19.77 6.12
C LEU A 11 -6.17 -20.19 5.10
N ASP A 12 -5.59 -21.38 5.28
CA ASP A 12 -4.64 -21.91 4.30
C ASP A 12 -5.26 -21.98 2.92
N LYS A 13 -6.47 -22.53 2.81
CA LYS A 13 -7.15 -22.60 1.52
C LYS A 13 -7.50 -21.20 1.02
N PHE A 14 -7.94 -20.31 1.91
CA PHE A 14 -8.26 -18.96 1.46
C PHE A 14 -7.03 -18.26 0.90
N ASN A 15 -5.89 -18.39 1.58
CA ASN A 15 -4.68 -17.69 1.16
C ASN A 15 -4.28 -18.05 -0.27
N HIS A 16 -4.43 -19.32 -0.63
CA HIS A 16 -4.11 -19.73 -2.00
C HIS A 16 -5.11 -19.17 -3.01
N GLU A 17 -6.39 -19.40 -2.78
CA GLU A 17 -7.41 -18.97 -3.74
C GLU A 17 -7.39 -17.45 -3.87
N ALA A 18 -7.25 -16.74 -2.76
CA ALA A 18 -7.26 -15.28 -2.80
C ALA A 18 -6.04 -14.73 -3.54
N GLU A 19 -4.87 -15.34 -3.34
CA GLU A 19 -3.66 -14.81 -3.97
C GLU A 19 -3.75 -14.88 -5.50
N ASP A 20 -4.31 -15.97 -6.03
CA ASP A 20 -4.44 -16.10 -7.47
C ASP A 20 -5.53 -15.17 -8.01
N LEU A 21 -6.71 -15.19 -7.39
CA LEU A 21 -7.81 -14.36 -7.88
C LEU A 21 -7.49 -12.87 -7.76
N PHE A 22 -6.81 -12.48 -6.67
CA PHE A 22 -6.42 -11.08 -6.53
C PHE A 22 -5.45 -10.67 -7.63
N TYR A 23 -4.51 -11.55 -7.97
CA TYR A 23 -3.55 -11.24 -9.02
C TYR A 23 -4.24 -11.01 -10.36
N GLN A 24 -5.23 -11.85 -10.68
CA GLN A 24 -5.94 -11.69 -11.94
C GLN A 24 -6.62 -10.34 -12.02
N SER A 25 -7.19 -9.87 -10.90
CA SER A 25 -7.89 -8.58 -10.90
C SER A 25 -6.90 -7.43 -10.98
N SER A 26 -5.80 -7.52 -10.22
CA SER A 26 -4.80 -6.46 -10.25
C SER A 26 -4.17 -6.32 -11.63
N LEU A 27 -3.80 -7.45 -12.24
CA LEU A 27 -3.22 -7.39 -13.59
C LEU A 27 -4.23 -6.85 -14.59
N ALA A 28 -5.48 -7.33 -14.54
CA ALA A 28 -6.51 -6.78 -15.41
C ALA A 28 -6.73 -5.29 -15.15
N SER A 29 -6.65 -4.87 -13.89
CA SER A 29 -6.75 -3.45 -13.58
C SER A 29 -5.55 -2.68 -14.12
N TRP A 30 -4.36 -3.29 -14.05
CA TRP A 30 -3.16 -2.64 -14.57
C TRP A 30 -3.25 -2.42 -16.07
N ASN A 31 -3.67 -3.46 -16.80
CA ASN A 31 -3.74 -3.39 -18.25
C ASN A 31 -4.70 -2.31 -18.74
N TYR A 32 -5.68 -1.94 -17.91
CA TYR A 32 -6.58 -0.85 -18.27
C TYR A 32 -5.94 0.50 -17.97
N ASN A 33 -5.39 0.66 -16.76
CA ASN A 33 -4.80 1.92 -16.33
C ASN A 33 -3.59 2.33 -17.17
N THR A 34 -3.01 1.42 -17.93
CA THR A 34 -1.88 1.74 -18.80
C THR A 34 -2.23 1.74 -20.28
N ASN A 35 -3.42 1.29 -20.64
CA ASN A 35 -3.80 1.12 -22.05
C ASN A 35 -5.34 1.16 -22.06
N ILE A 36 -5.89 2.36 -22.13
CA ILE A 36 -7.32 2.57 -21.92
C ILE A 36 -8.06 2.21 -23.19
N THR A 37 -8.73 1.05 -23.19
CA THR A 37 -9.60 0.61 -24.26
C THR A 37 -10.94 0.24 -23.66
N GLU A 38 -11.89 -0.19 -24.50
CA GLU A 38 -13.15 -0.66 -23.95
C GLU A 38 -13.03 -2.10 -23.48
N GLU A 39 -12.30 -2.94 -24.22
CA GLU A 39 -12.13 -4.33 -23.82
C GLU A 39 -11.42 -4.43 -22.47
N ASN A 40 -10.40 -3.59 -22.26
CA ASN A 40 -9.68 -3.63 -20.99
C ASN A 40 -10.56 -3.22 -19.82
N VAL A 41 -11.57 -2.38 -20.07
CA VAL A 41 -12.56 -2.08 -19.02
C VAL A 41 -13.34 -3.33 -18.67
N GLN A 42 -13.82 -4.06 -19.68
CA GLN A 42 -14.59 -5.27 -19.44
C GLN A 42 -13.78 -6.30 -18.67
N ASN A 43 -12.53 -6.53 -19.10
CA ASN A 43 -11.69 -7.50 -18.41
C ASN A 43 -11.43 -7.08 -16.97
N MET A 44 -11.28 -5.77 -16.73
CA MET A 44 -11.08 -5.29 -15.37
C MET A 44 -12.32 -5.52 -14.52
N ASN A 45 -13.50 -5.34 -15.10
CA ASN A 45 -14.74 -5.51 -14.35
C ASN A 45 -15.05 -6.99 -14.13
N ASN A 46 -14.81 -7.84 -15.13
CA ASN A 46 -15.02 -9.27 -14.95
C ASN A 46 -14.08 -9.82 -13.88
N ALA A 47 -12.80 -9.48 -13.96
CA ALA A 47 -11.85 -9.95 -12.95
C ALA A 47 -12.16 -9.35 -11.58
N GLY A 48 -12.60 -8.08 -11.56
CA GLY A 48 -12.99 -7.47 -10.31
C GLY A 48 -14.22 -8.12 -9.70
N ASP A 49 -15.23 -8.39 -10.52
CA ASP A 49 -16.44 -9.04 -10.02
C ASP A 49 -16.13 -10.41 -9.43
N LYS A 50 -15.32 -11.21 -10.12
CA LYS A 50 -14.95 -12.52 -9.60
C LYS A 50 -14.25 -12.40 -8.24
N TRP A 51 -13.34 -11.43 -8.11
CA TRP A 51 -12.67 -11.22 -6.83
C TRP A 51 -13.65 -10.79 -5.75
N SER A 52 -14.52 -9.83 -6.07
CA SER A 52 -15.53 -9.39 -5.09
C SER A 52 -16.43 -10.55 -4.67
N ALA A 53 -16.86 -11.37 -5.63
CA ALA A 53 -17.74 -12.48 -5.31
C ALA A 53 -17.02 -13.55 -4.48
N PHE A 54 -15.73 -13.73 -4.74
CA PHE A 54 -14.94 -14.65 -3.92
C PHE A 54 -14.80 -14.13 -2.50
N LEU A 55 -14.65 -12.82 -2.34
CA LEU A 55 -14.52 -12.25 -1.00
C LEU A 55 -15.82 -12.34 -0.23
N LYS A 56 -16.96 -12.23 -0.91
CA LYS A 56 -18.24 -12.33 -0.21
C LYS A 56 -18.51 -13.77 0.23
N GLU A 57 -18.17 -14.74 -0.62
CA GLU A 57 -18.34 -16.15 -0.25
C GLU A 57 -17.46 -16.51 0.94
N GLN A 58 -16.20 -16.06 0.93
CA GLN A 58 -15.26 -16.45 1.97
C GLN A 58 -15.51 -15.68 3.26
N SER A 59 -16.06 -14.47 3.17
CA SER A 59 -16.47 -13.75 4.36
C SER A 59 -17.54 -14.54 5.12
N THR A 60 -18.56 -15.00 4.40
CA THR A 60 -19.60 -15.81 5.03
C THR A 60 -19.04 -17.09 5.62
N LEU A 61 -18.20 -17.80 4.85
CA LEU A 61 -17.62 -19.04 5.35
C LEU A 61 -16.73 -18.79 6.57
N ALA A 62 -16.04 -17.66 6.63
CA ALA A 62 -15.19 -17.37 7.78
C ALA A 62 -16.01 -17.17 9.05
N GLN A 63 -17.21 -16.59 8.92
CA GLN A 63 -18.03 -16.32 10.09
C GLN A 63 -18.51 -17.58 10.77
N MET A 64 -18.55 -18.71 10.06
CA MET A 64 -18.92 -19.97 10.70
C MET A 64 -17.85 -20.51 11.63
N TYR A 65 -16.77 -19.76 11.84
CA TYR A 65 -15.79 -20.05 12.88
C TYR A 65 -15.85 -18.93 13.91
N PRO A 66 -16.44 -19.16 15.10
CA PRO A 66 -16.64 -18.06 16.05
C PRO A 66 -15.34 -17.65 16.74
N LEU A 67 -15.07 -16.35 16.78
CA LEU A 67 -13.76 -15.84 17.22
C LEU A 67 -13.44 -16.19 18.66
N GLN A 68 -14.45 -16.33 19.53
CA GLN A 68 -14.17 -16.52 20.95
C GLN A 68 -13.43 -17.81 21.25
N GLU A 69 -13.42 -18.77 20.31
CA GLU A 69 -12.79 -20.06 20.54
C GLU A 69 -11.43 -20.21 19.86
N ILE A 70 -10.84 -19.12 19.39
CA ILE A 70 -9.46 -19.12 18.89
C ILE A 70 -8.58 -18.35 19.88
N GLN A 71 -7.43 -18.93 20.20
CA GLN A 71 -6.44 -18.33 21.09
C GLN A 71 -5.28 -17.72 20.33
N ASN A 72 -4.82 -18.36 19.25
CA ASN A 72 -3.76 -17.82 18.42
C ASN A 72 -4.20 -16.47 17.88
N LEU A 73 -3.50 -15.41 18.29
CA LEU A 73 -3.91 -14.06 17.91
C LEU A 73 -3.68 -13.81 16.43
N THR A 74 -2.58 -14.33 15.88
CA THR A 74 -2.28 -14.14 14.47
C THR A 74 -3.38 -14.74 13.60
N VAL A 75 -3.95 -15.88 14.01
CA VAL A 75 -5.06 -16.45 13.27
C VAL A 75 -6.31 -15.61 13.45
N LYS A 76 -6.57 -15.13 14.67
CA LYS A 76 -7.78 -14.35 14.92
C LYS A 76 -7.78 -13.03 14.16
N LEU A 77 -6.60 -12.42 13.98
CA LEU A 77 -6.53 -11.20 13.17
C LEU A 77 -7.02 -11.44 11.76
N GLN A 78 -6.55 -12.53 11.14
CA GLN A 78 -6.93 -12.83 9.77
C GLN A 78 -8.41 -13.19 9.69
N LEU A 79 -8.88 -14.05 10.60
CA LEU A 79 -10.29 -14.43 10.63
C LEU A 79 -11.18 -13.21 10.80
N GLN A 80 -10.81 -12.30 11.71
CA GLN A 80 -11.63 -11.12 11.96
C GLN A 80 -11.70 -10.23 10.74
N ALA A 81 -10.56 -10.04 10.05
CA ALA A 81 -10.52 -9.15 8.90
C ALA A 81 -11.42 -9.65 7.78
N LEU A 82 -11.48 -10.97 7.58
CA LEU A 82 -12.35 -11.53 6.54
C LEU A 82 -13.81 -11.46 6.96
N GLN A 83 -14.07 -11.64 8.26
CA GLN A 83 -15.44 -11.55 8.77
C GLN A 83 -15.94 -10.10 8.73
N GLN A 84 -15.10 -9.17 9.17
CA GLN A 84 -15.46 -7.76 9.19
C GLN A 84 -15.57 -7.17 7.78
N ASN A 85 -15.29 -7.97 6.74
CA ASN A 85 -15.32 -7.49 5.37
C ASN A 85 -16.73 -7.50 4.80
N GLY A 86 -17.49 -8.57 5.06
CA GLY A 86 -18.82 -8.67 4.50
C GLY A 86 -19.77 -7.65 5.09
N SER A 87 -20.67 -7.14 4.24
CA SER A 87 -21.75 -6.27 4.67
C SER A 87 -23.08 -7.02 4.76
N SER A 88 -23.01 -8.36 4.85
CA SER A 88 -24.22 -9.17 4.99
C SER A 88 -24.80 -9.03 6.39
N VAL A 89 -24.90 -7.79 6.84
CA VAL A 89 -25.55 -7.48 8.10
C VAL A 89 -26.81 -6.66 7.87
N LEU A 90 -26.91 -6.04 6.70
CA LEU A 90 -28.05 -5.25 6.28
C LEU A 90 -28.84 -6.08 5.28
N SER A 91 -30.17 -5.96 5.30
CA SER A 91 -31.00 -6.68 4.35
C SER A 91 -30.57 -6.38 2.92
N GLU A 92 -30.88 -7.31 2.00
CA GLU A 92 -30.50 -7.11 0.60
C GLU A 92 -31.05 -5.80 0.07
N ASP A 93 -32.24 -5.39 0.53
CA ASP A 93 -32.83 -4.14 0.06
C ASP A 93 -32.05 -2.92 0.56
N LYS A 94 -31.67 -2.92 1.84
CA LYS A 94 -30.91 -1.79 2.36
C LYS A 94 -29.48 -1.77 1.82
N SER A 95 -28.87 -2.94 1.63
CA SER A 95 -27.58 -3.00 0.97
C SER A 95 -27.66 -2.41 -0.43
N LYS A 96 -28.71 -2.75 -1.17
CA LYS A 96 -28.88 -2.25 -2.54
C LYS A 96 -29.12 -0.74 -2.54
N ARG A 97 -30.00 -0.25 -1.64
CA ARG A 97 -30.18 1.19 -1.51
C ARG A 97 -28.86 1.90 -1.27
N LEU A 98 -28.06 1.37 -0.33
CA LEU A 98 -26.82 2.03 0.05
C LEU A 98 -25.80 2.06 -1.08
N ASN A 99 -25.73 1.00 -1.90
CA ASN A 99 -24.79 1.01 -3.01
C ASN A 99 -25.20 1.99 -4.09
N THR A 100 -26.51 2.08 -4.37
CA THR A 100 -27.01 3.08 -5.31
C THR A 100 -26.65 4.49 -4.84
N ILE A 101 -26.88 4.79 -3.57
CA ILE A 101 -26.53 6.10 -3.01
C ILE A 101 -25.04 6.36 -3.22
N LEU A 102 -24.21 5.39 -2.87
CA LEU A 102 -22.76 5.55 -3.02
C LEU A 102 -22.39 5.82 -4.48
N ASN A 103 -23.00 5.08 -5.41
CA ASN A 103 -22.74 5.32 -6.83
C ASN A 103 -23.24 6.70 -7.26
N THR A 104 -24.40 7.12 -6.78
CA THR A 104 -24.95 8.41 -7.19
C THR A 104 -24.09 9.56 -6.69
N MET A 105 -23.65 9.50 -5.42
CA MET A 105 -22.78 10.55 -4.90
C MET A 105 -21.46 10.59 -5.67
N SER A 106 -20.86 9.43 -5.93
CA SER A 106 -19.60 9.40 -6.68
C SER A 106 -19.79 9.94 -8.09
N THR A 107 -20.91 9.60 -8.74
CA THR A 107 -21.17 10.11 -10.08
C THR A 107 -21.38 11.62 -10.05
N ILE A 108 -22.13 12.12 -9.07
CA ILE A 108 -22.37 13.56 -8.97
C ILE A 108 -21.05 14.32 -8.84
N TYR A 109 -20.18 13.84 -7.95
CA TYR A 109 -18.88 14.49 -7.74
C TYR A 109 -18.05 14.53 -9.02
N SER A 110 -17.94 13.40 -9.73
CA SER A 110 -17.01 13.29 -10.83
C SER A 110 -17.53 13.92 -12.12
N THR A 111 -18.84 14.04 -12.29
CA THR A 111 -19.42 14.64 -13.48
C THR A 111 -20.10 15.98 -13.20
N GLY A 112 -20.05 16.45 -11.95
CA GLY A 112 -20.65 17.73 -11.62
C GLY A 112 -19.97 18.86 -12.38
N LYS A 113 -20.79 19.69 -13.03
CA LYS A 113 -20.26 20.77 -13.84
C LYS A 113 -20.93 22.07 -13.44
N VAL A 114 -20.23 23.18 -13.72
CA VAL A 114 -20.71 24.52 -13.43
C VAL A 114 -20.50 25.35 -14.69
N CYS A 115 -21.56 26.04 -15.12
CA CYS A 115 -21.53 26.79 -16.36
C CYS A 115 -21.44 28.27 -16.04
N ASN A 116 -20.58 28.98 -16.77
CA ASN A 116 -20.32 30.37 -16.44
C ASN A 116 -21.62 31.16 -16.58
N PRO A 117 -21.92 32.05 -15.63
CA PRO A 117 -23.04 32.97 -15.83
C PRO A 117 -22.83 33.78 -17.10
N ASP A 118 -23.86 33.82 -17.94
CA ASP A 118 -23.95 34.51 -19.22
C ASP A 118 -23.62 33.60 -20.40
N ASN A 119 -23.18 32.37 -20.17
CA ASN A 119 -23.10 31.44 -21.30
C ASN A 119 -23.34 30.00 -20.87
N PRO A 120 -24.42 29.37 -21.33
CA PRO A 120 -24.67 27.97 -20.97
C PRO A 120 -23.72 26.98 -21.63
N GLN A 121 -22.92 27.40 -22.61
CA GLN A 121 -22.04 26.50 -23.34
C GLN A 121 -20.61 26.50 -22.81
N GLU A 122 -20.26 27.42 -21.92
CA GLU A 122 -18.95 27.42 -21.26
C GLU A 122 -19.15 26.83 -19.87
N CYS A 123 -18.88 25.54 -19.73
CA CYS A 123 -19.14 24.79 -18.51
C CYS A 123 -17.85 24.12 -18.07
N LEU A 124 -17.61 24.12 -16.75
CA LEU A 124 -16.39 23.59 -16.19
C LEU A 124 -16.70 22.46 -15.22
N LEU A 125 -15.84 21.44 -15.22
CA LEU A 125 -15.85 20.41 -14.19
C LEU A 125 -14.95 20.86 -13.04
N LEU A 126 -15.01 20.09 -11.94
CA LEU A 126 -14.13 20.37 -10.82
C LEU A 126 -12.66 20.24 -11.23
N GLU A 127 -12.32 19.12 -11.87
CA GLU A 127 -10.98 18.89 -12.38
C GLU A 127 -11.02 18.75 -13.89
N PRO A 128 -10.27 19.55 -14.65
CA PRO A 128 -9.32 20.56 -14.15
C PRO A 128 -9.93 21.95 -14.00
N GLY A 129 -11.19 22.10 -14.38
CA GLY A 129 -11.82 23.40 -14.51
C GLY A 129 -11.80 24.26 -13.27
N LEU A 130 -12.57 23.86 -12.26
CA LEU A 130 -12.65 24.66 -11.04
C LEU A 130 -11.36 24.61 -10.23
N ASN A 131 -10.62 23.49 -10.31
CA ASN A 131 -9.37 23.38 -9.57
C ASN A 131 -8.34 24.37 -10.09
N GLU A 132 -8.33 24.63 -11.40
CA GLU A 132 -7.43 25.63 -11.95
C GLU A 132 -7.73 27.01 -11.37
N ILE A 133 -9.01 27.35 -11.23
CA ILE A 133 -9.36 28.66 -10.69
C ILE A 133 -8.87 28.80 -9.25
N MET A 134 -9.19 27.81 -8.41
CA MET A 134 -8.88 27.91 -6.99
C MET A 134 -7.39 27.82 -6.68
N ALA A 135 -6.57 27.38 -7.63
CA ALA A 135 -5.14 27.19 -7.37
C ALA A 135 -4.25 28.21 -8.06
N ASN A 136 -4.79 29.05 -8.94
CA ASN A 136 -3.95 30.01 -9.67
C ASN A 136 -4.55 31.41 -9.67
N SER A 137 -5.88 31.52 -9.57
CA SER A 137 -6.52 32.81 -9.71
C SER A 137 -6.28 33.69 -8.49
N LEU A 138 -5.98 34.96 -8.73
CA LEU A 138 -5.87 35.95 -7.67
C LEU A 138 -7.10 36.86 -7.59
N ASP A 139 -8.05 36.70 -8.51
CA ASP A 139 -9.23 37.55 -8.52
C ASP A 139 -10.23 37.05 -7.48
N TYR A 140 -10.58 37.94 -6.54
CA TYR A 140 -11.47 37.57 -5.44
C TYR A 140 -12.81 37.06 -5.96
N ASN A 141 -13.38 37.72 -6.97
CA ASN A 141 -14.72 37.35 -7.44
C ASN A 141 -14.70 36.01 -8.17
N GLU A 142 -13.72 35.80 -9.04
CA GLU A 142 -13.65 34.53 -9.76
C GLU A 142 -13.53 33.35 -8.80
N ARG A 143 -12.66 33.47 -7.80
CA ARG A 143 -12.53 32.42 -6.80
C ARG A 143 -13.81 32.24 -6.01
N LEU A 144 -14.48 33.36 -5.67
CA LEU A 144 -15.75 33.26 -4.96
C LEU A 144 -16.81 32.58 -5.81
N TRP A 145 -16.80 32.84 -7.12
CA TRP A 145 -17.77 32.21 -8.00
C TRP A 145 -17.55 30.70 -8.09
N ALA A 146 -16.29 30.28 -8.28
CA ALA A 146 -15.99 28.85 -8.35
C ALA A 146 -16.34 28.16 -7.03
N TRP A 147 -15.94 28.77 -5.91
CA TRP A 147 -16.23 28.20 -4.60
C TRP A 147 -17.72 28.03 -4.37
N GLU A 148 -18.50 29.08 -4.64
CA GLU A 148 -19.93 29.04 -4.35
C GLU A 148 -20.69 28.17 -5.35
N SER A 149 -20.35 28.29 -6.64
CA SER A 149 -21.06 27.49 -7.65
C SER A 149 -20.86 25.99 -7.42
N TRP A 150 -19.65 25.59 -7.03
CA TRP A 150 -19.39 24.18 -6.77
C TRP A 150 -20.27 23.66 -5.63
N ARG A 151 -20.42 24.47 -4.57
CA ARG A 151 -21.20 24.03 -3.42
C ARG A 151 -22.70 24.18 -3.61
N SER A 152 -23.16 25.12 -4.42
CA SER A 152 -24.59 25.36 -4.54
C SER A 152 -25.26 24.52 -5.62
N GLU A 153 -24.51 24.03 -6.60
CA GLU A 153 -25.09 23.21 -7.66
C GLU A 153 -24.71 21.73 -7.58
N VAL A 154 -23.54 21.41 -7.03
CA VAL A 154 -23.15 20.03 -6.79
C VAL A 154 -23.35 19.64 -5.33
N GLY A 155 -23.11 20.59 -4.40
CA GLY A 155 -23.30 20.29 -3.00
C GLY A 155 -24.76 20.07 -2.65
N LYS A 156 -25.66 20.92 -3.17
CA LYS A 156 -27.09 20.77 -2.89
C LYS A 156 -27.63 19.45 -3.42
N GLN A 157 -27.05 18.94 -4.51
CA GLN A 157 -27.46 17.63 -5.03
C GLN A 157 -27.12 16.52 -4.06
N LEU A 158 -26.05 16.67 -3.29
CA LEU A 158 -25.56 15.61 -2.42
C LEU A 158 -26.20 15.62 -1.05
N ARG A 159 -26.89 16.71 -0.67
CA ARG A 159 -27.47 16.78 0.66
C ARG A 159 -28.49 15.69 0.90
N PRO A 160 -29.56 15.55 0.10
CA PRO A 160 -30.54 14.50 0.40
C PRO A 160 -29.95 13.10 0.36
N LEU A 161 -28.95 12.87 -0.48
CA LEU A 161 -28.28 11.58 -0.52
C LEU A 161 -27.49 11.33 0.76
N TYR A 162 -26.69 12.33 1.18
CA TYR A 162 -25.85 12.14 2.35
C TYR A 162 -26.68 11.86 3.60
N GLU A 163 -27.84 12.51 3.72
CA GLU A 163 -28.74 12.25 4.83
C GLU A 163 -29.13 10.78 4.89
N GLU A 164 -29.55 10.21 3.76
CA GLU A 164 -29.87 8.79 3.73
C GLU A 164 -28.61 7.94 3.85
N TYR A 165 -27.47 8.46 3.39
CA TYR A 165 -26.20 7.75 3.51
C TYR A 165 -25.81 7.55 4.98
N VAL A 166 -26.03 8.57 5.81
CA VAL A 166 -25.70 8.47 7.23
C VAL A 166 -26.57 7.41 7.91
N VAL A 167 -27.87 7.40 7.59
CA VAL A 167 -28.80 6.49 8.26
C VAL A 167 -28.41 5.04 8.00
N LEU A 168 -28.14 4.70 6.73
CA LEU A 168 -27.82 3.32 6.38
C LEU A 168 -26.44 2.92 6.89
N LYS A 169 -25.47 3.83 6.82
CA LYS A 169 -24.14 3.52 7.35
C LYS A 169 -24.19 3.27 8.86
N ASN A 170 -25.02 4.02 9.58
CA ASN A 170 -25.17 3.75 11.00
C ASN A 170 -25.85 2.40 11.24
N GLU A 171 -26.93 2.11 10.50
CA GLU A 171 -27.60 0.81 10.63
C GLU A 171 -26.61 -0.33 10.41
N MET A 172 -25.77 -0.22 9.37
CA MET A 172 -24.79 -1.26 9.10
C MET A 172 -23.79 -1.38 10.24
N ALA A 173 -23.30 -0.24 10.74
CA ALA A 173 -22.30 -0.27 11.80
C ALA A 173 -22.89 -0.74 13.13
N ARG A 174 -24.08 -0.26 13.49
CA ARG A 174 -24.71 -0.71 14.73
C ARG A 174 -24.92 -2.21 14.72
N ALA A 175 -25.35 -2.75 13.59
CA ALA A 175 -25.62 -4.18 13.51
C ALA A 175 -24.34 -5.00 13.52
N ASN A 176 -23.18 -4.39 13.21
CA ASN A 176 -21.89 -4.98 13.47
C ASN A 176 -21.35 -4.65 14.87
N HIS A 177 -22.22 -4.20 15.77
CA HIS A 177 -21.90 -3.99 17.18
C HIS A 177 -20.94 -2.82 17.39
N TYR A 178 -21.02 -1.81 16.53
CA TYR A 178 -20.34 -0.54 16.73
C TYR A 178 -21.35 0.52 17.15
N GLU A 179 -20.88 1.51 17.90
CA GLU A 179 -21.77 2.59 18.34
C GLU A 179 -22.40 3.29 17.13
N ASP A 180 -21.57 3.62 16.15
CA ASP A 180 -22.03 4.32 14.94
C ASP A 180 -20.98 4.09 13.86
N TYR A 181 -21.25 4.65 12.67
CA TYR A 181 -20.31 4.49 11.57
C TYR A 181 -18.99 5.22 11.81
N GLY A 182 -18.98 6.22 12.70
CA GLY A 182 -17.72 6.82 13.09
C GLY A 182 -16.88 5.90 13.95
N ASP A 183 -17.53 5.22 14.90
CA ASP A 183 -16.85 4.22 15.71
C ASP A 183 -16.32 3.08 14.84
N TYR A 184 -17.05 2.73 13.78
CA TYR A 184 -16.60 1.70 12.85
C TYR A 184 -15.27 2.09 12.22
N TRP A 185 -15.17 3.34 11.75
CA TRP A 185 -13.94 3.84 11.14
C TRP A 185 -12.79 3.85 12.13
N ARG A 186 -13.05 4.28 13.36
CA ARG A 186 -11.99 4.28 14.36
C ARG A 186 -11.53 2.87 14.70
N GLY A 187 -12.28 1.86 14.27
CA GLY A 187 -11.88 0.48 14.48
C GLY A 187 -10.54 0.11 13.87
N ASP A 188 -10.05 0.93 12.95
CA ASP A 188 -8.77 0.61 12.31
C ASP A 188 -7.62 0.69 13.31
N TYR A 189 -7.77 1.49 14.36
CA TYR A 189 -6.71 1.66 15.36
C TYR A 189 -6.87 0.75 16.56
N GLU A 190 -7.95 -0.02 16.63
CA GLU A 190 -8.20 -0.85 17.79
C GLU A 190 -7.17 -1.97 17.89
N VAL A 191 -6.75 -2.27 19.11
CA VAL A 191 -5.86 -3.39 19.41
C VAL A 191 -6.36 -4.04 20.71
N ASN A 192 -6.49 -5.36 20.70
CA ASN A 192 -7.04 -6.09 21.83
C ASN A 192 -6.19 -7.32 22.13
N GLY A 193 -6.14 -7.68 23.41
CA GLY A 193 -5.56 -8.95 23.83
C GLY A 193 -4.05 -9.00 23.85
N VAL A 194 -3.36 -7.88 23.65
CA VAL A 194 -1.90 -7.83 23.71
C VAL A 194 -1.56 -6.90 24.87
N ASP A 195 -1.19 -7.47 26.02
CA ASP A 195 -0.94 -6.67 27.21
C ASP A 195 0.19 -5.68 26.98
N GLY A 196 -0.09 -4.41 27.25
CA GLY A 196 0.87 -3.34 27.06
C GLY A 196 0.78 -2.63 25.74
N TYR A 197 -0.02 -3.12 24.80
CA TYR A 197 -0.12 -2.54 23.47
C TYR A 197 -1.55 -2.36 23.00
N ASP A 198 -2.54 -2.63 23.85
CA ASP A 198 -3.93 -2.46 23.47
C ASP A 198 -4.25 -0.99 23.20
N TYR A 199 -5.27 -0.78 22.38
CA TYR A 199 -5.71 0.55 21.99
C TYR A 199 -7.19 0.46 21.68
N SER A 200 -8.00 1.29 22.33
CA SER A 200 -9.44 1.28 22.11
C SER A 200 -9.82 2.31 21.06
N ARG A 201 -11.01 2.13 20.49
CA ARG A 201 -11.48 3.02 19.43
C ARG A 201 -11.70 4.44 19.95
N GLY A 202 -12.31 4.57 21.12
CA GLY A 202 -12.53 5.87 21.72
C GLY A 202 -11.28 6.57 22.19
N GLN A 203 -10.19 5.84 22.37
CA GLN A 203 -8.91 6.45 22.73
C GLN A 203 -8.36 7.30 21.59
N LEU A 204 -8.69 6.93 20.35
CA LEU A 204 -8.23 7.71 19.20
C LEU A 204 -8.72 9.14 19.27
N ILE A 205 -9.99 9.34 19.66
CA ILE A 205 -10.53 10.69 19.75
C ILE A 205 -9.74 11.51 20.76
N GLU A 206 -9.45 10.91 21.92
CA GLU A 206 -8.72 11.64 22.97
C GLU A 206 -7.30 11.95 22.52
N ASP A 207 -6.63 11.00 21.88
CA ASP A 207 -5.26 11.24 21.44
C ASP A 207 -5.21 12.27 20.32
N VAL A 208 -6.21 12.29 19.43
CA VAL A 208 -6.25 13.30 18.37
C VAL A 208 -6.47 14.68 18.97
N GLU A 209 -7.39 14.78 19.94
CA GLU A 209 -7.68 16.08 20.54
C GLU A 209 -6.56 16.53 21.48
N HIS A 210 -5.86 15.59 22.12
CA HIS A 210 -4.74 15.98 22.97
CA HIS A 210 -4.74 15.98 22.97
C HIS A 210 -3.56 16.46 22.13
N THR A 211 -3.22 15.72 21.06
CA THR A 211 -2.13 16.15 20.20
C THR A 211 -2.47 17.44 19.46
N PHE A 212 -3.75 17.64 19.11
CA PHE A 212 -4.12 18.85 18.38
C PHE A 212 -3.94 20.10 19.23
N GLU A 213 -4.16 19.99 20.55
CA GLU A 213 -3.96 21.15 21.42
C GLU A 213 -2.53 21.66 21.36
N GLU A 214 -1.56 20.74 21.27
CA GLU A 214 -0.17 21.15 21.18
C GLU A 214 0.20 21.68 19.80
N ILE A 215 -0.67 21.51 18.81
CA ILE A 215 -0.45 22.06 17.49
C ILE A 215 -1.00 23.47 17.36
N LYS A 216 -2.04 23.82 18.14
CA LYS A 216 -2.69 25.12 18.03
C LYS A 216 -1.73 26.31 18.03
N PRO A 217 -0.73 26.41 18.94
CA PRO A 217 0.15 27.59 18.89
C PRO A 217 0.88 27.76 17.58
N LEU A 218 1.44 26.68 17.02
CA LEU A 218 2.08 26.77 15.72
C LEU A 218 1.07 27.17 14.65
N TYR A 219 -0.12 26.56 14.67
CA TYR A 219 -1.14 26.89 13.67
C TYR A 219 -1.63 28.33 13.82
N GLU A 220 -1.76 28.81 15.06
CA GLU A 220 -2.23 30.18 15.24
C GLU A 220 -1.26 31.19 14.64
N HIS A 221 0.05 30.97 14.83
CA HIS A 221 1.02 31.89 14.26
C HIS A 221 1.18 31.69 12.77
N LEU A 222 1.00 30.47 12.26
CA LEU A 222 0.95 30.28 10.82
C LEU A 222 -0.25 31.02 10.23
N HIS A 223 -1.42 30.84 10.86
CA HIS A 223 -2.64 31.52 10.43
C HIS A 223 -2.52 33.03 10.57
N ALA A 224 -1.84 33.50 11.61
CA ALA A 224 -1.66 34.94 11.79
C ALA A 224 -0.74 35.51 10.72
N TYR A 225 0.35 34.82 10.41
CA TYR A 225 1.26 35.31 9.38
C TYR A 225 0.61 35.27 8.00
N VAL A 226 -0.17 34.23 7.72
CA VAL A 226 -0.82 34.14 6.42
C VAL A 226 -1.86 35.23 6.26
N ARG A 227 -2.67 35.46 7.29
CA ARG A 227 -3.69 36.50 7.22
C ARG A 227 -3.08 37.88 7.00
N ALA A 228 -1.96 38.16 7.66
CA ALA A 228 -1.31 39.45 7.47
C ALA A 228 -0.84 39.64 6.03
N LYS A 229 -0.25 38.60 5.44
CA LYS A 229 0.25 38.71 4.07
C LYS A 229 -0.89 38.81 3.07
N LEU A 230 -1.97 38.06 3.30
CA LEU A 230 -3.14 38.19 2.41
C LEU A 230 -3.82 39.54 2.58
N MET A 231 -3.88 40.05 3.82
CA MET A 231 -4.49 41.35 4.04
C MET A 231 -3.77 42.43 3.24
N ASN A 232 -2.46 42.31 3.06
CA ASN A 232 -1.75 43.25 2.20
C ASN A 232 -2.18 43.10 0.74
N ALA A 233 -2.45 41.88 0.30
CA ALA A 233 -2.86 41.66 -1.08
C ALA A 233 -4.35 41.93 -1.30
N TYR A 234 -5.17 41.87 -0.24
CA TYR A 234 -6.61 42.08 -0.34
C TYR A 234 -7.07 42.96 0.81
N PRO A 235 -6.65 44.24 0.82
CA PRO A 235 -6.94 45.08 2.00
C PRO A 235 -8.42 45.29 2.28
N SER A 236 -9.27 45.33 1.26
CA SER A 236 -10.68 45.55 1.48
C SER A 236 -11.46 44.27 1.82
N TYR A 237 -10.83 43.10 1.71
CA TYR A 237 -11.54 41.84 1.83
C TYR A 237 -11.23 41.04 3.10
N ILE A 238 -10.18 41.39 3.84
CA ILE A 238 -9.73 40.57 4.96
C ILE A 238 -9.58 41.44 6.20
N SER A 239 -10.19 40.99 7.32
CA SER A 239 -10.10 41.67 8.61
C SER A 239 -8.81 41.26 9.31
N PRO A 240 -8.15 42.20 10.00
CA PRO A 240 -6.93 41.86 10.73
C PRO A 240 -7.16 40.94 11.91
N ILE A 241 -8.41 40.76 12.33
CA ILE A 241 -8.73 39.90 13.47
C ILE A 241 -9.68 38.77 13.11
N GLY A 242 -10.21 38.74 11.88
CA GLY A 242 -11.20 37.75 11.53
C GLY A 242 -10.61 36.49 10.94
N CYS A 243 -11.50 35.54 10.64
CA CYS A 243 -11.09 34.32 9.99
C CYS A 243 -10.70 34.58 8.53
N LEU A 244 -10.00 33.60 7.95
CA LEU A 244 -9.62 33.69 6.54
C LEU A 244 -10.79 33.28 5.66
N PRO A 245 -11.18 34.10 4.68
CA PRO A 245 -12.26 33.69 3.78
C PRO A 245 -11.94 32.38 3.09
N ALA A 246 -12.95 31.50 3.01
CA ALA A 246 -12.73 30.11 2.64
C ALA A 246 -12.28 29.94 1.19
N HIS A 247 -12.56 30.90 0.33
CA HIS A 247 -12.24 30.78 -1.09
C HIS A 247 -10.87 31.36 -1.44
N LEU A 248 -10.12 31.85 -0.47
CA LEU A 248 -8.82 32.45 -0.69
C LEU A 248 -7.70 31.62 -0.08
N LEU A 249 -7.84 30.29 -0.07
CA LEU A 249 -6.94 29.42 0.67
C LEU A 249 -6.12 28.48 -0.20
N GLY A 250 -6.15 28.64 -1.53
CA GLY A 250 -5.26 27.90 -2.39
C GLY A 250 -5.85 26.69 -3.09
N ASP A 251 -7.02 26.21 -2.66
CA ASP A 251 -7.74 25.19 -3.43
C ASP A 251 -9.23 25.30 -3.10
N MET A 252 -10.00 24.31 -3.57
CA MET A 252 -11.44 24.38 -3.48
C MET A 252 -11.95 24.38 -2.04
N TRP A 253 -11.23 23.74 -1.12
CA TRP A 253 -11.68 23.63 0.26
C TRP A 253 -10.74 24.27 1.28
N GLY A 254 -9.53 24.64 0.89
CA GLY A 254 -8.53 25.01 1.87
C GLY A 254 -7.90 23.82 2.56
N ARG A 255 -7.97 22.63 1.96
CA ARG A 255 -7.33 21.45 2.55
C ARG A 255 -5.83 21.64 2.66
N PHE A 256 -5.21 22.23 1.65
CA PHE A 256 -3.80 22.58 1.69
C PHE A 256 -3.65 24.05 1.35
N TRP A 257 -2.79 24.74 2.09
CA TRP A 257 -2.47 26.13 1.82
C TRP A 257 -1.26 26.28 0.90
N THR A 258 -0.93 25.22 0.15
CA THR A 258 0.31 25.19 -0.62
C THR A 258 0.38 26.35 -1.60
N ASN A 259 -0.72 26.66 -2.27
CA ASN A 259 -0.72 27.66 -3.33
C ASN A 259 -0.75 29.09 -2.82
N LEU A 260 -0.65 29.31 -1.51
CA LEU A 260 -0.49 30.64 -0.96
C LEU A 260 0.98 31.05 -0.85
N TYR A 261 1.91 30.19 -1.27
CA TYR A 261 3.32 30.47 -1.07
C TYR A 261 3.74 31.76 -1.77
N SER A 262 3.22 32.00 -2.98
CA SER A 262 3.63 33.18 -3.74
C SER A 262 3.28 34.47 -2.99
N LEU A 263 2.11 34.49 -2.31
CA LEU A 263 1.68 35.68 -1.59
C LEU A 263 2.17 35.71 -0.14
N THR A 264 2.76 34.63 0.36
CA THR A 264 3.19 34.58 1.75
C THR A 264 4.69 34.31 1.90
N VAL A 265 5.44 34.24 0.80
CA VAL A 265 6.85 33.83 0.89
C VAL A 265 7.63 34.81 1.76
N PRO A 266 8.38 34.34 2.76
CA PRO A 266 9.06 35.28 3.67
C PRO A 266 10.08 36.17 2.97
N PHE A 267 10.93 35.59 2.13
CA PHE A 267 12.01 36.31 1.45
C PHE A 267 11.92 35.98 -0.04
N GLY A 268 11.21 36.82 -0.78
CA GLY A 268 10.91 36.57 -2.17
C GLY A 268 12.03 36.81 -3.15
N GLN A 269 13.21 37.25 -2.69
CA GLN A 269 14.34 37.48 -3.57
C GLN A 269 15.32 36.31 -3.59
N LYS A 270 15.24 35.41 -2.62
CA LYS A 270 16.05 34.19 -2.64
C LYS A 270 15.30 33.11 -3.40
N PRO A 271 15.85 32.56 -4.47
CA PRO A 271 15.14 31.56 -5.26
C PRO A 271 15.05 30.22 -4.54
N ASN A 272 14.03 29.46 -4.90
CA ASN A 272 13.88 28.12 -4.36
C ASN A 272 14.95 27.19 -4.93
N ILE A 273 15.13 26.04 -4.28
CA ILE A 273 16.02 25.02 -4.80
C ILE A 273 15.23 24.21 -5.82
N ASP A 274 15.52 24.41 -7.10
CA ASP A 274 14.92 23.65 -8.18
C ASP A 274 16.05 23.01 -8.99
N VAL A 275 16.10 21.67 -9.00
CA VAL A 275 17.15 20.96 -9.71
C VAL A 275 16.68 20.48 -11.08
N THR A 276 15.51 20.94 -11.54
CA THR A 276 15.01 20.50 -12.85
C THR A 276 15.99 20.85 -13.96
N ASP A 277 16.54 22.08 -13.93
CA ASP A 277 17.50 22.48 -14.95
C ASP A 277 18.72 21.55 -14.97
N ALA A 278 19.21 21.16 -13.78
CA ALA A 278 20.39 20.31 -13.72
C ALA A 278 20.09 18.91 -14.23
N MET A 279 18.87 18.42 -14.03
CA MET A 279 18.50 17.11 -14.57
C MET A 279 18.50 17.13 -16.10
N VAL A 280 17.88 18.16 -16.70
CA VAL A 280 17.87 18.28 -18.15
C VAL A 280 19.29 18.51 -18.68
N ASP A 281 20.08 19.29 -17.94
CA ASP A 281 21.47 19.54 -18.36
C ASP A 281 22.26 18.24 -18.46
N GLN A 282 21.99 17.28 -17.57
CA GLN A 282 22.71 16.03 -17.53
C GLN A 282 21.99 14.92 -18.29
N ALA A 283 20.97 15.28 -19.08
CA ALA A 283 20.22 14.34 -19.92
C ALA A 283 19.67 13.18 -19.11
N TRP A 284 19.08 13.50 -17.96
CA TRP A 284 18.40 12.47 -17.17
C TRP A 284 17.09 12.09 -17.85
N ASP A 285 16.76 10.81 -17.78
CA ASP A 285 15.45 10.34 -18.21
C ASP A 285 14.72 9.74 -17.01
N ALA A 286 13.57 9.14 -17.28
CA ALA A 286 12.78 8.54 -16.22
C ALA A 286 13.55 7.38 -15.57
N GLN A 287 14.21 6.56 -16.38
CA GLN A 287 14.94 5.41 -15.84
C GLN A 287 16.05 5.86 -14.90
N ARG A 288 16.73 6.96 -15.24
CA ARG A 288 17.74 7.51 -14.35
C ARG A 288 17.14 7.93 -13.01
N ILE A 289 15.95 8.52 -13.04
CA ILE A 289 15.30 8.97 -11.80
C ILE A 289 15.05 7.78 -10.88
N PHE A 290 14.38 6.74 -11.40
CA PHE A 290 14.09 5.58 -10.57
C PHE A 290 15.35 4.79 -10.25
N LYS A 291 16.33 4.78 -11.14
CA LYS A 291 17.61 4.17 -10.82
C LYS A 291 18.27 4.88 -9.65
N GLU A 292 18.19 6.22 -9.60
CA GLU A 292 18.71 6.95 -8.45
C GLU A 292 17.91 6.64 -7.19
N ALA A 293 16.58 6.56 -7.31
CA ALA A 293 15.75 6.24 -6.16
C ALA A 293 16.03 4.84 -5.63
N GLU A 294 16.36 3.92 -6.53
CA GLU A 294 16.80 2.59 -6.12
C GLU A 294 18.11 2.66 -5.36
N LYS A 295 19.07 3.42 -5.88
CA LYS A 295 20.35 3.62 -5.19
C LYS A 295 20.14 4.15 -3.77
N PHE A 296 19.19 5.07 -3.60
CA PHE A 296 18.91 5.61 -2.27
C PHE A 296 18.55 4.50 -1.28
N PHE A 297 17.59 3.65 -1.64
CA PHE A 297 17.18 2.58 -0.74
C PHE A 297 18.27 1.54 -0.54
N VAL A 298 19.09 1.28 -1.56
CA VAL A 298 20.20 0.35 -1.38
C VAL A 298 21.20 0.92 -0.39
N SER A 299 21.39 2.24 -0.38
CA SER A 299 22.37 2.86 0.50
C SER A 299 22.04 2.70 1.97
N VAL A 300 20.80 2.35 2.32
CA VAL A 300 20.41 2.14 3.71
C VAL A 300 20.23 0.67 4.05
N GLY A 301 20.51 -0.23 3.12
CA GLY A 301 20.46 -1.65 3.40
C GLY A 301 19.25 -2.38 2.86
N LEU A 302 18.30 -1.67 2.25
CA LEU A 302 17.12 -2.29 1.68
C LEU A 302 17.45 -2.95 0.34
N PRO A 303 16.62 -3.87 -0.13
CA PRO A 303 16.92 -4.57 -1.38
C PRO A 303 16.72 -3.69 -2.61
N ASN A 304 17.41 -4.05 -3.69
CA ASN A 304 17.19 -3.40 -4.97
C ASN A 304 15.84 -3.83 -5.55
N MET A 305 15.40 -3.13 -6.59
CA MET A 305 14.15 -3.47 -7.24
C MET A 305 14.29 -4.80 -7.98
N THR A 306 13.19 -5.56 -8.01
CA THR A 306 13.22 -6.84 -8.70
C THR A 306 13.39 -6.63 -10.21
N GLN A 307 13.85 -7.68 -10.88
CA GLN A 307 13.92 -7.65 -12.34
C GLN A 307 12.54 -7.44 -12.95
N GLY A 308 11.52 -8.06 -12.35
CA GLY A 308 10.16 -7.87 -12.81
C GLY A 308 9.68 -6.43 -12.67
N PHE A 309 10.24 -5.68 -11.72
CA PHE A 309 9.88 -4.27 -11.58
C PHE A 309 10.26 -3.50 -12.84
N TRP A 310 11.51 -3.61 -13.27
CA TRP A 310 11.97 -2.80 -14.40
C TRP A 310 11.29 -3.21 -15.70
N GLU A 311 11.04 -4.52 -15.87
CA GLU A 311 10.42 -4.98 -17.11
C GLU A 311 8.95 -4.59 -17.19
N ASN A 312 8.21 -4.74 -16.09
CA ASN A 312 6.77 -4.66 -16.13
C ASN A 312 6.19 -3.30 -15.76
N SER A 313 6.95 -2.46 -15.05
CA SER A 313 6.45 -1.14 -14.68
C SER A 313 6.32 -0.25 -15.91
N MET A 314 5.53 0.82 -15.77
CA MET A 314 5.41 1.86 -16.79
C MET A 314 5.87 3.18 -16.19
N LEU A 315 7.11 3.56 -16.47
CA LEU A 315 7.71 4.74 -15.85
C LEU A 315 7.64 5.98 -16.73
N THR A 316 7.30 5.86 -18.01
CA THR A 316 7.08 7.01 -18.87
C THR A 316 5.69 6.96 -19.47
N ASP A 317 5.17 8.13 -19.83
CA ASP A 317 3.89 8.22 -20.51
C ASP A 317 3.87 7.27 -21.70
N PRO A 318 2.83 6.45 -21.85
CA PRO A 318 2.86 5.43 -22.92
C PRO A 318 3.04 6.02 -24.30
N GLY A 319 2.41 7.14 -24.60
CA GLY A 319 2.47 7.70 -25.93
C GLY A 319 1.15 8.38 -26.26
N ASN A 320 1.07 8.90 -27.48
CA ASN A 320 -0.13 9.62 -27.90
C ASN A 320 -1.31 8.68 -28.11
N VAL A 321 -1.09 7.60 -28.84
CA VAL A 321 -2.19 6.68 -29.17
C VAL A 321 -2.65 5.93 -27.93
N GLN A 322 -1.71 5.38 -27.16
CA GLN A 322 -2.02 4.63 -25.95
C GLN A 322 -2.27 5.62 -24.81
N LYS A 323 -3.49 5.62 -24.27
CA LYS A 323 -3.89 6.56 -23.24
C LYS A 323 -3.84 5.87 -21.89
N ALA A 324 -3.45 6.63 -20.86
CA ALA A 324 -3.19 6.06 -19.54
C ALA A 324 -3.74 6.97 -18.45
N VAL A 325 -3.88 6.40 -17.26
CA VAL A 325 -4.27 7.14 -16.06
C VAL A 325 -2.97 7.45 -15.32
N CYS A 326 -2.47 8.66 -15.50
CA CYS A 326 -1.11 9.03 -15.10
C CYS A 326 -0.96 9.32 -13.61
N HIS A 327 -1.98 9.07 -12.80
CA HIS A 327 -1.84 9.28 -11.36
C HIS A 327 -0.80 8.33 -10.79
N PRO A 328 0.23 8.83 -10.12
CA PRO A 328 1.33 7.94 -9.68
C PRO A 328 0.86 6.97 -8.61
N THR A 329 1.10 5.69 -8.84
CA THR A 329 0.64 4.65 -7.94
C THR A 329 1.67 3.51 -7.89
N ALA A 330 1.75 2.88 -6.73
CA ALA A 330 2.59 1.70 -6.51
C ALA A 330 1.69 0.47 -6.44
N TRP A 331 2.03 -0.56 -7.20
CA TRP A 331 1.19 -1.74 -7.36
C TRP A 331 1.85 -2.95 -6.71
N ASP A 332 1.09 -3.63 -5.84
CA ASP A 332 1.47 -4.92 -5.29
C ASP A 332 0.40 -5.90 -5.75
N LEU A 333 0.66 -6.58 -6.86
CA LEU A 333 -0.27 -7.54 -7.44
C LEU A 333 -0.18 -8.90 -6.78
N GLY A 334 0.84 -9.13 -5.97
CA GLY A 334 1.09 -10.42 -5.36
C GLY A 334 2.01 -11.28 -6.20
N LYS A 335 2.47 -12.37 -5.58
CA LYS A 335 3.32 -13.36 -6.23
C LYS A 335 4.59 -12.71 -6.80
N GLY A 336 5.24 -11.91 -5.97
CA GLY A 336 6.49 -11.27 -6.29
C GLY A 336 6.42 -10.18 -7.33
N ASP A 337 5.23 -9.82 -7.82
CA ASP A 337 5.08 -8.84 -8.89
C ASP A 337 4.82 -7.47 -8.26
N PHE A 338 5.83 -6.60 -8.31
CA PHE A 338 5.72 -5.22 -7.85
C PHE A 338 6.00 -4.28 -9.00
N ARG A 339 5.17 -3.25 -9.15
CA ARG A 339 5.29 -2.32 -10.26
C ARG A 339 4.94 -0.92 -9.79
N ILE A 340 5.39 0.07 -10.57
CA ILE A 340 5.00 1.46 -10.38
C ILE A 340 4.43 1.98 -11.70
N LEU A 341 3.23 2.54 -11.64
CA LEU A 341 2.65 3.28 -12.75
C LEU A 341 2.90 4.75 -12.49
N MET A 342 3.56 5.41 -13.44
CA MET A 342 3.91 6.82 -13.27
C MET A 342 4.40 7.43 -14.59
N CYS A 343 3.78 8.53 -15.01
CA CYS A 343 4.14 9.22 -16.24
C CYS A 343 5.21 10.25 -15.90
N THR A 344 6.44 9.77 -15.75
CA THR A 344 7.52 10.57 -15.20
C THR A 344 8.03 11.58 -16.21
N LYS A 345 8.14 12.83 -15.77
CA LYS A 345 8.80 13.90 -16.49
C LYS A 345 10.12 14.21 -15.78
N VAL A 346 11.01 14.88 -16.49
CA VAL A 346 12.36 15.17 -15.95
C VAL A 346 12.23 16.46 -15.17
N THR A 347 11.68 16.35 -13.96
CA THR A 347 11.48 17.48 -13.06
C THR A 347 11.83 17.05 -11.64
N MET A 348 12.16 18.04 -10.81
CA MET A 348 12.45 17.75 -9.40
C MET A 348 11.25 17.14 -8.69
N ASP A 349 10.05 17.60 -9.02
CA ASP A 349 8.86 17.12 -8.32
C ASP A 349 8.61 15.64 -8.59
N ASP A 350 8.73 15.21 -9.85
CA ASP A 350 8.61 13.79 -10.14
C ASP A 350 9.76 13.00 -9.55
N PHE A 351 10.94 13.61 -9.45
CA PHE A 351 12.09 12.94 -8.84
C PHE A 351 11.80 12.58 -7.39
N LEU A 352 11.22 13.51 -6.63
CA LEU A 352 10.83 13.21 -5.26
C LEU A 352 9.69 12.21 -5.21
N THR A 353 8.75 12.31 -6.15
CA THR A 353 7.63 11.36 -6.16
C THR A 353 8.12 9.94 -6.37
N ALA A 354 9.15 9.76 -7.22
CA ALA A 354 9.71 8.44 -7.46
C ALA A 354 10.20 7.82 -6.15
N HIS A 355 10.90 8.59 -5.32
CA HIS A 355 11.32 8.09 -4.02
C HIS A 355 10.11 7.78 -3.14
N HIS A 356 9.08 8.63 -3.19
CA HIS A 356 7.89 8.39 -2.40
C HIS A 356 7.21 7.08 -2.79
N GLU A 357 6.99 6.88 -4.10
CA GLU A 357 6.28 5.68 -4.55
C GLU A 357 7.14 4.43 -4.40
N MET A 358 8.44 4.53 -4.66
CA MET A 358 9.31 3.38 -4.39
C MET A 358 9.42 3.11 -2.90
N GLY A 359 9.14 4.11 -2.07
CA GLY A 359 9.01 3.87 -0.64
C GLY A 359 7.86 2.95 -0.31
N HIS A 360 6.74 3.09 -1.03
CA HIS A 360 5.64 2.14 -0.88
C HIS A 360 6.06 0.74 -1.31
N ILE A 361 6.72 0.64 -2.48
CA ILE A 361 7.16 -0.67 -2.98
C ILE A 361 8.03 -1.38 -1.96
N GLN A 362 8.94 -0.64 -1.30
CA GLN A 362 9.78 -1.23 -0.27
C GLN A 362 8.93 -1.79 0.86
N TYR A 363 7.90 -1.06 1.27
CA TYR A 363 6.97 -1.57 2.27
C TYR A 363 6.29 -2.84 1.78
N ASP A 364 5.82 -2.84 0.53
CA ASP A 364 5.10 -4.01 0.00
C ASP A 364 6.01 -5.23 -0.06
N MET A 365 7.23 -5.07 -0.55
CA MET A 365 8.14 -6.20 -0.65
C MET A 365 8.53 -6.73 0.72
N ALA A 366 8.58 -5.85 1.73
CA ALA A 366 9.08 -6.26 3.04
C ALA A 366 8.07 -7.13 3.79
N TYR A 367 6.76 -6.91 3.59
CA TYR A 367 5.77 -7.76 4.25
C TYR A 367 5.14 -8.77 3.31
N ALA A 368 5.73 -9.00 2.13
CA ALA A 368 5.18 -9.98 1.20
C ALA A 368 5.24 -11.39 1.74
N ALA A 369 6.11 -11.65 2.73
CA ALA A 369 6.19 -12.97 3.34
C ALA A 369 5.14 -13.18 4.44
N GLN A 370 4.36 -12.15 4.77
CA GLN A 370 3.28 -12.31 5.74
C GLN A 370 2.08 -12.96 5.06
N PRO A 371 1.14 -13.50 5.84
CA PRO A 371 -0.08 -14.04 5.24
C PRO A 371 -0.82 -12.97 4.45
N PHE A 372 -1.61 -13.43 3.47
CA PHE A 372 -2.24 -12.51 2.52
C PHE A 372 -3.01 -11.41 3.24
N LEU A 373 -3.86 -11.79 4.20
CA LEU A 373 -4.70 -10.84 4.90
C LEU A 373 -3.92 -9.87 5.79
N LEU A 374 -2.63 -10.11 6.02
CA LEU A 374 -1.83 -9.23 6.86
C LEU A 374 -0.81 -8.44 6.05
N ARG A 375 -0.93 -8.43 4.72
CA ARG A 375 -0.01 -7.69 3.87
C ARG A 375 -0.54 -6.27 3.68
N ASN A 376 -0.25 -5.42 4.67
CA ASN A 376 -0.68 -4.04 4.63
C ASN A 376 0.12 -3.27 5.69
N GLY A 377 -0.02 -1.94 5.64
CA GLY A 377 0.57 -1.12 6.69
C GLY A 377 0.01 -1.47 8.06
N ALA A 378 0.73 -1.04 9.10
CA ALA A 378 0.31 -1.37 10.46
C ALA A 378 -1.05 -0.79 10.79
N ASN A 379 -1.32 0.43 10.33
CA ASN A 379 -2.68 0.96 10.29
C ASN A 379 -2.82 1.84 9.06
N GLU A 380 -3.92 2.58 8.99
CA GLU A 380 -4.22 3.34 7.78
C GLU A 380 -3.27 4.50 7.54
N GLY A 381 -2.52 4.93 8.56
CA GLY A 381 -1.60 6.04 8.38
C GLY A 381 -0.15 5.64 8.15
N PHE A 382 0.15 4.36 8.35
CA PHE A 382 1.54 3.90 8.26
C PHE A 382 2.09 4.00 6.84
N HIS A 383 1.37 3.43 5.87
CA HIS A 383 1.90 3.31 4.52
C HIS A 383 2.29 4.66 3.94
N GLU A 384 1.41 5.65 4.08
CA GLU A 384 1.68 6.97 3.51
C GLU A 384 2.80 7.67 4.27
N ALA A 385 2.93 7.41 5.57
CA ALA A 385 4.02 7.98 6.35
C ALA A 385 5.37 7.49 5.83
N VAL A 386 5.47 6.20 5.50
CA VAL A 386 6.70 5.65 4.96
C VAL A 386 7.07 6.34 3.65
N GLY A 387 6.07 6.53 2.77
CA GLY A 387 6.34 7.19 1.50
C GLY A 387 6.85 8.60 1.67
N GLU A 388 6.24 9.36 2.59
CA GLU A 388 6.59 10.77 2.74
C GLU A 388 8.03 10.96 3.20
N ILE A 389 8.50 10.14 4.14
CA ILE A 389 9.81 10.40 4.74
C ILE A 389 10.92 10.21 3.72
N MET A 390 10.69 9.38 2.69
CA MET A 390 11.69 9.23 1.65
C MET A 390 11.89 10.52 0.86
N SER A 391 10.80 11.22 0.56
CA SER A 391 10.90 12.50 -0.15
C SER A 391 11.41 13.61 0.76
N LEU A 392 11.36 13.44 2.07
CA LEU A 392 11.99 14.41 2.97
C LEU A 392 13.50 14.38 2.81
N SER A 393 14.12 13.20 2.92
CA SER A 393 15.56 13.09 2.77
C SER A 393 15.98 13.41 1.33
N ALA A 394 15.29 12.83 0.35
CA ALA A 394 15.67 12.97 -1.05
C ALA A 394 15.73 14.42 -1.51
N ALA A 395 15.03 15.33 -0.83
CA ALA A 395 14.91 16.72 -1.26
C ALA A 395 15.88 17.67 -0.56
N THR A 396 16.56 17.23 0.48
CA THR A 396 17.44 18.13 1.22
C THR A 396 18.60 18.57 0.33
N PRO A 397 19.16 19.77 0.57
CA PRO A 397 20.37 20.17 -0.17
C PRO A 397 21.52 19.21 0.02
N LYS A 398 21.62 18.60 1.21
CA LYS A 398 22.66 17.61 1.47
C LYS A 398 22.55 16.44 0.50
N HIS A 399 21.35 15.89 0.33
CA HIS A 399 21.19 14.78 -0.59
C HIS A 399 21.32 15.23 -2.04
N LEU A 400 20.79 16.41 -2.37
CA LEU A 400 20.87 16.88 -3.75
C LEU A 400 22.31 17.17 -4.15
N LYS A 401 23.12 17.69 -3.23
CA LYS A 401 24.51 17.98 -3.56
C LYS A 401 25.33 16.69 -3.71
N SER A 402 24.98 15.63 -2.98
CA SER A 402 25.77 14.40 -3.05
C SER A 402 25.52 13.59 -4.31
N ILE A 403 24.42 13.86 -5.02
CA ILE A 403 24.12 13.14 -6.26
C ILE A 403 24.43 13.98 -7.50
N GLY A 404 25.02 15.16 -7.30
CA GLY A 404 25.47 15.95 -8.44
C GLY A 404 24.40 16.76 -9.14
N LEU A 405 23.26 16.98 -8.49
CA LEU A 405 22.21 17.82 -9.05
C LEU A 405 22.24 19.24 -8.51
N LEU A 406 22.83 19.45 -7.33
CA LEU A 406 22.96 20.77 -6.74
C LEU A 406 24.44 21.09 -6.64
N SER A 407 24.80 22.32 -6.99
CA SER A 407 26.21 22.68 -7.06
C SER A 407 26.82 22.70 -5.66
N PRO A 408 28.06 22.25 -5.50
CA PRO A 408 28.75 22.44 -4.21
C PRO A 408 28.91 23.90 -3.83
N ASP A 409 28.88 24.82 -4.80
CA ASP A 409 28.96 26.25 -4.54
C ASP A 409 27.61 26.85 -4.15
N PHE A 410 26.66 26.03 -3.73
CA PHE A 410 25.38 26.48 -3.18
C PHE A 410 25.38 26.14 -1.70
N GLN A 411 25.29 27.16 -0.85
CA GLN A 411 25.27 26.99 0.59
C GLN A 411 23.97 27.53 1.16
N GLU A 412 23.40 26.80 2.12
CA GLU A 412 22.13 27.21 2.72
C GLU A 412 22.34 28.40 3.64
N ASP A 413 21.34 29.29 3.68
CA ASP A 413 21.27 30.35 4.67
C ASP A 413 19.90 30.30 5.33
N ASN A 414 19.78 30.92 6.50
CA ASN A 414 18.53 30.79 7.24
C ASN A 414 17.34 31.44 6.54
N GLU A 415 17.55 32.23 5.49
CA GLU A 415 16.41 32.77 4.75
C GLU A 415 15.79 31.70 3.84
N THR A 416 16.60 31.00 3.06
CA THR A 416 16.06 29.88 2.29
C THR A 416 15.57 28.76 3.21
N GLU A 417 16.20 28.60 4.38
CA GLU A 417 15.71 27.66 5.38
C GLU A 417 14.29 28.01 5.82
N ILE A 418 14.04 29.30 6.07
CA ILE A 418 12.71 29.74 6.47
C ILE A 418 11.72 29.62 5.32
N ASN A 419 12.14 29.99 4.10
CA ASN A 419 11.27 29.84 2.93
C ASN A 419 10.81 28.40 2.78
N PHE A 420 11.73 27.44 2.98
CA PHE A 420 11.37 26.04 2.83
C PHE A 420 10.36 25.62 3.89
N LEU A 421 10.64 25.91 5.16
CA LEU A 421 9.75 25.48 6.24
C LEU A 421 8.36 26.09 6.10
N LEU A 422 8.28 27.37 5.73
CA LEU A 422 6.99 27.99 5.49
C LEU A 422 6.22 27.26 4.39
N LYS A 423 6.88 26.97 3.26
CA LYS A 423 6.23 26.22 2.19
C LYS A 423 5.79 24.85 2.69
N GLN A 424 6.64 24.16 3.47
CA GLN A 424 6.24 22.89 4.05
C GLN A 424 5.06 23.06 4.98
N ALA A 425 5.14 24.04 5.90
CA ALA A 425 4.05 24.25 6.86
C ALA A 425 2.73 24.54 6.16
N LEU A 426 2.76 25.31 5.08
CA LEU A 426 1.54 25.59 4.33
C LEU A 426 0.84 24.32 3.90
N THR A 427 1.60 23.28 3.54
CA THR A 427 1.02 21.99 3.17
C THR A 427 0.77 21.12 4.39
N ILE A 428 1.80 20.90 5.21
CA ILE A 428 1.71 19.90 6.27
C ILE A 428 0.90 20.41 7.45
N VAL A 429 1.28 21.59 7.99
CA VAL A 429 0.59 22.10 9.17
C VAL A 429 -0.82 22.58 8.80
N GLY A 430 -0.95 23.27 7.66
CA GLY A 430 -2.24 23.83 7.30
C GLY A 430 -3.35 22.81 7.17
N THR A 431 -3.01 21.59 6.75
CA THR A 431 -4.03 20.57 6.56
C THR A 431 -4.52 19.97 7.87
N LEU A 432 -3.77 20.14 8.98
CA LEU A 432 -4.12 19.43 10.21
C LEU A 432 -5.42 19.95 10.83
N PRO A 433 -5.63 21.25 11.06
CA PRO A 433 -6.95 21.68 11.53
C PRO A 433 -8.06 21.41 10.53
N PHE A 434 -7.77 21.52 9.22
CA PHE A 434 -8.75 21.14 8.22
C PHE A 434 -9.14 19.67 8.37
N THR A 435 -8.16 18.79 8.61
CA THR A 435 -8.44 17.36 8.69
C THR A 435 -9.13 17.00 10.00
N TYR A 436 -8.67 17.56 11.12
CA TYR A 436 -9.28 17.23 12.40
C TYR A 436 -10.73 17.72 12.44
N MET A 437 -10.97 18.96 11.98
CA MET A 437 -12.31 19.52 12.06
C MET A 437 -13.27 18.82 11.11
N LEU A 438 -12.78 18.31 9.97
CA LEU A 438 -13.67 17.59 9.07
C LEU A 438 -14.11 16.26 9.67
N GLU A 439 -13.16 15.51 10.26
CA GLU A 439 -13.51 14.22 10.82
C GLU A 439 -14.34 14.36 12.09
N LYS A 440 -14.03 15.39 12.91
CA LYS A 440 -14.82 15.63 14.11
C LYS A 440 -16.28 15.87 13.75
N TRP A 441 -16.53 16.64 12.69
CA TRP A 441 -17.90 16.87 12.24
C TRP A 441 -18.57 15.58 11.83
N ARG A 442 -17.84 14.71 11.12
CA ARG A 442 -18.44 13.45 10.70
C ARG A 442 -18.63 12.51 11.88
N TRP A 443 -17.66 12.46 12.80
CA TRP A 443 -17.82 11.69 14.02
C TRP A 443 -19.07 12.13 14.80
N MET A 444 -19.32 13.43 14.86
CA MET A 444 -20.47 13.91 15.61
C MET A 444 -21.78 13.68 14.86
N VAL A 445 -21.77 13.71 13.53
CA VAL A 445 -22.97 13.43 12.76
C VAL A 445 -23.37 11.97 12.93
N PHE A 446 -22.41 11.06 12.79
CA PHE A 446 -22.68 9.64 13.01
C PHE A 446 -23.11 9.37 14.44
N LYS A 447 -22.56 10.11 15.41
CA LYS A 447 -22.95 9.91 16.79
C LYS A 447 -24.36 10.41 17.10
N GLY A 448 -24.92 11.24 16.23
CA GLY A 448 -26.22 11.84 16.48
C GLY A 448 -26.17 13.15 17.23
N GLU A 449 -24.96 13.69 17.48
CA GLU A 449 -24.81 14.91 18.24
C GLU A 449 -25.09 16.17 17.42
N ILE A 450 -25.31 16.04 16.11
CA ILE A 450 -25.67 17.17 15.27
C ILE A 450 -26.96 16.84 14.52
N PRO A 451 -28.08 17.49 14.86
CA PRO A 451 -29.32 17.25 14.13
C PRO A 451 -29.18 17.65 12.66
N LYS A 452 -30.09 17.10 11.84
CA LYS A 452 -30.05 17.38 10.41
C LYS A 452 -30.24 18.87 10.13
N ASP A 453 -31.12 19.52 10.90
CA ASP A 453 -31.42 20.93 10.65
C ASP A 453 -30.29 21.86 11.06
N GLN A 454 -29.22 21.34 11.66
CA GLN A 454 -28.07 22.16 12.06
C GLN A 454 -26.76 21.60 11.51
N TRP A 455 -26.83 20.86 10.40
CA TRP A 455 -25.62 20.30 9.80
C TRP A 455 -24.69 21.40 9.34
N MET A 456 -25.15 22.24 8.41
CA MET A 456 -24.30 23.30 7.88
C MET A 456 -24.08 24.42 8.88
N LYS A 457 -24.97 24.57 9.88
CA LYS A 457 -24.73 25.54 10.94
C LYS A 457 -23.52 25.14 11.77
N LYS A 458 -23.49 23.89 12.26
CA LYS A 458 -22.35 23.42 13.04
C LYS A 458 -21.09 23.29 12.20
N TRP A 459 -21.23 23.02 10.90
CA TRP A 459 -20.06 22.86 10.04
C TRP A 459 -19.26 24.16 9.98
N TRP A 460 -19.95 25.29 9.81
CA TRP A 460 -19.25 26.57 9.71
C TRP A 460 -18.92 27.15 11.08
N GLU A 461 -19.65 26.80 12.13
CA GLU A 461 -19.21 27.14 13.47
C GLU A 461 -17.90 26.47 13.80
N MET A 462 -17.72 25.22 13.34
CA MET A 462 -16.46 24.52 13.58
C MET A 462 -15.35 24.98 12.64
N LYS A 463 -15.68 25.39 11.41
CA LYS A 463 -14.68 25.96 10.54
C LYS A 463 -14.11 27.24 11.13
N ARG A 464 -14.99 28.14 11.58
CA ARG A 464 -14.54 29.40 12.18
C ARG A 464 -13.76 29.15 13.46
N GLU A 465 -14.28 28.30 14.34
CA GLU A 465 -13.69 28.14 15.67
C GLU A 465 -12.38 27.36 15.61
N ILE A 466 -12.39 26.23 14.90
CA ILE A 466 -11.24 25.33 14.88
C ILE A 466 -10.23 25.74 13.82
N VAL A 467 -10.68 25.94 12.58
CA VAL A 467 -9.76 26.19 11.48
C VAL A 467 -9.48 27.68 11.27
N GLY A 468 -10.27 28.56 11.87
CA GLY A 468 -10.12 29.98 11.60
C GLY A 468 -10.45 30.34 10.17
N VAL A 469 -11.43 29.67 9.58
CA VAL A 469 -11.84 29.88 8.20
C VAL A 469 -13.33 30.20 8.20
N VAL A 470 -13.73 31.19 7.41
CA VAL A 470 -15.11 31.67 7.41
C VAL A 470 -15.69 31.58 6.00
N GLU A 471 -16.94 31.12 5.92
CA GLU A 471 -17.60 31.01 4.62
C GLU A 471 -17.85 32.40 4.04
N PRO A 472 -17.64 32.59 2.74
CA PRO A 472 -17.89 33.91 2.15
C PRO A 472 -19.34 34.16 1.77
N VAL A 473 -20.21 33.16 1.86
CA VAL A 473 -21.63 33.29 1.57
C VAL A 473 -22.38 32.50 2.62
N PRO A 474 -23.50 33.00 3.17
CA PRO A 474 -24.28 32.19 4.11
C PRO A 474 -24.83 30.95 3.43
N HIS A 475 -24.82 29.83 4.16
CA HIS A 475 -25.25 28.54 3.63
C HIS A 475 -26.27 27.94 4.58
N ASP A 476 -27.47 27.69 4.06
CA ASP A 476 -28.53 27.06 4.84
C ASP A 476 -28.44 25.54 4.72
N GLU A 477 -29.44 24.84 5.22
CA GLU A 477 -29.41 23.39 5.22
C GLU A 477 -29.82 22.77 3.88
N THR A 478 -29.93 23.56 2.82
CA THR A 478 -30.01 22.95 1.50
C THR A 478 -28.64 22.60 0.94
N TYR A 479 -27.58 23.11 1.56
CA TYR A 479 -26.22 22.81 1.15
C TYR A 479 -25.72 21.54 1.83
N CYS A 480 -24.64 20.98 1.27
CA CYS A 480 -23.89 19.90 1.90
C CYS A 480 -22.43 20.13 1.54
N ASP A 481 -21.81 21.13 2.19
CA ASP A 481 -20.45 21.50 1.84
C ASP A 481 -19.44 20.40 2.13
N PRO A 482 -19.43 19.74 3.29
CA PRO A 482 -18.49 18.62 3.48
C PRO A 482 -18.53 17.62 2.33
N ALA A 483 -19.71 17.30 1.81
CA ALA A 483 -19.80 16.38 0.68
C ALA A 483 -19.20 16.92 -0.61
N SER A 484 -18.91 18.22 -0.68
CA SER A 484 -18.26 18.78 -1.86
C SER A 484 -16.77 18.44 -1.94
N LEU A 485 -16.23 17.76 -0.93
CA LEU A 485 -14.89 17.20 -0.98
C LEU A 485 -14.98 15.73 -1.35
N PHE A 486 -14.00 15.26 -2.12
CA PHE A 486 -14.02 13.90 -2.65
C PHE A 486 -14.25 12.88 -1.55
N HIS A 487 -13.43 12.93 -0.49
CA HIS A 487 -13.42 11.88 0.52
C HIS A 487 -14.75 11.76 1.25
N VAL A 488 -15.48 12.87 1.40
CA VAL A 488 -16.75 12.82 2.13
C VAL A 488 -17.82 12.16 1.28
N SER A 489 -17.95 12.57 0.01
CA SER A 489 -18.96 12.00 -0.86
C SER A 489 -18.55 10.65 -1.46
N ASN A 490 -17.27 10.27 -1.35
CA ASN A 490 -16.81 8.98 -1.85
C ASN A 490 -16.48 7.99 -0.74
N ASP A 491 -16.97 8.25 0.47
CA ASP A 491 -17.01 7.27 1.57
C ASP A 491 -15.61 6.76 1.92
N TYR A 492 -14.72 7.70 2.22
CA TYR A 492 -13.40 7.40 2.76
C TYR A 492 -13.24 8.08 4.10
N SER A 493 -12.65 7.36 5.06
CA SER A 493 -12.26 8.00 6.31
C SER A 493 -11.18 9.04 6.02
N PHE A 494 -11.07 10.02 6.92
CA PHE A 494 -10.21 11.17 6.68
C PHE A 494 -9.15 11.39 7.75
N ILE A 495 -9.32 10.81 8.95
CA ILE A 495 -8.35 11.03 10.02
C ILE A 495 -6.99 10.41 9.72
N ARG A 496 -6.90 9.54 8.71
CA ARG A 496 -5.62 8.94 8.36
C ARG A 496 -4.58 9.98 7.96
N TYR A 497 -5.01 11.08 7.35
CA TYR A 497 -4.08 12.13 6.95
C TYR A 497 -3.53 12.89 8.16
N TYR A 498 -4.28 12.91 9.26
CA TYR A 498 -3.78 13.50 10.49
C TYR A 498 -2.77 12.59 11.18
N THR A 499 -3.13 11.31 11.37
CA THR A 499 -2.22 10.38 12.05
C THR A 499 -0.96 10.14 11.24
N ARG A 500 -1.08 10.02 9.91
CA ARG A 500 0.09 9.85 9.07
C ARG A 500 1.08 11.00 9.23
N THR A 501 0.57 12.24 9.23
CA THR A 501 1.45 13.40 9.38
C THR A 501 2.25 13.31 10.68
N LEU A 502 1.61 12.89 11.77
CA LEU A 502 2.33 12.77 13.03
C LEU A 502 3.32 11.60 12.99
N TYR A 503 2.91 10.47 12.40
CA TYR A 503 3.80 9.32 12.31
C TYR A 503 5.05 9.65 11.51
N GLN A 504 4.88 10.39 10.40
CA GLN A 504 5.99 10.57 9.47
C GLN A 504 7.12 11.37 10.10
N PHE A 505 6.82 12.26 11.05
CA PHE A 505 7.89 12.98 11.71
C PHE A 505 8.45 12.21 12.90
N GLN A 506 7.63 11.37 13.54
CA GLN A 506 8.17 10.42 14.51
C GLN A 506 9.15 9.46 13.84
N PHE A 507 8.78 8.95 12.66
CA PHE A 507 9.69 8.10 11.89
C PHE A 507 10.98 8.83 11.55
N GLN A 508 10.86 10.00 10.89
CA GLN A 508 12.04 10.70 10.42
C GLN A 508 12.95 11.11 11.57
N GLU A 509 12.39 11.58 12.68
CA GLU A 509 13.23 11.92 13.83
C GLU A 509 13.99 10.69 14.32
N ALA A 510 13.31 9.55 14.42
CA ALA A 510 13.95 8.34 14.91
C ALA A 510 15.05 7.87 13.95
N LEU A 511 14.74 7.81 12.65
CA LEU A 511 15.72 7.32 11.68
C LEU A 511 16.91 8.26 11.59
N CYS A 512 16.69 9.57 11.67
CA CYS A 512 17.80 10.51 11.62
C CYS A 512 18.68 10.42 12.86
N GLN A 513 18.10 10.07 14.00
CA GLN A 513 18.90 9.84 15.20
C GLN A 513 19.73 8.57 15.05
N ALA A 514 19.18 7.55 14.39
CA ALA A 514 19.97 6.37 14.07
C ALA A 514 21.05 6.70 13.05
N ALA A 515 20.83 7.70 12.21
CA ALA A 515 21.82 8.13 11.23
C ALA A 515 22.85 9.10 11.80
N LYS A 516 22.77 9.39 13.09
CA LYS A 516 23.70 10.31 13.77
C LYS A 516 23.68 11.68 13.10
N HIS A 517 22.50 12.11 12.66
CA HIS A 517 22.34 13.42 12.02
C HIS A 517 22.60 14.53 13.03
N GLU A 518 23.44 15.49 12.66
CA GLU A 518 23.73 16.64 13.50
C GLU A 518 23.11 17.88 12.86
N GLY A 519 22.26 18.56 13.61
CA GLY A 519 21.63 19.77 13.14
C GLY A 519 20.12 19.72 13.23
N PRO A 520 19.47 20.72 12.65
CA PRO A 520 18.00 20.73 12.65
C PRO A 520 17.43 19.56 11.89
N LEU A 521 16.32 19.02 12.40
CA LEU A 521 15.73 17.81 11.86
C LEU A 521 15.40 17.93 10.38
N HIS A 522 15.03 19.13 9.91
CA HIS A 522 14.58 19.28 8.54
C HIS A 522 15.73 19.22 7.52
N LYS A 523 16.97 19.17 7.96
CA LYS A 523 18.11 19.08 7.05
C LYS A 523 18.64 17.66 6.94
N CYS A 524 17.95 16.68 7.53
CA CYS A 524 18.49 15.34 7.67
C CYS A 524 18.31 14.53 6.40
N ASP A 525 19.31 13.71 6.11
CA ASP A 525 19.29 12.76 5.00
C ASP A 525 19.74 11.41 5.56
N ILE A 526 18.86 10.41 5.51
CA ILE A 526 19.21 9.10 6.07
C ILE A 526 20.06 8.27 5.13
N SER A 527 20.43 8.82 3.96
CA SER A 527 21.21 8.07 2.99
C SER A 527 22.50 7.54 3.61
N ASN A 528 22.94 6.38 3.14
CA ASN A 528 24.16 5.69 3.53
C ASN A 528 24.14 5.18 4.96
N SER A 529 23.01 5.29 5.66
CA SER A 529 22.88 4.85 7.06
C SER A 529 22.14 3.51 7.08
N THR A 530 22.91 2.43 7.17
CA THR A 530 22.30 1.10 7.23
C THR A 530 21.60 0.86 8.56
N GLU A 531 22.04 1.52 9.64
CA GLU A 531 21.35 1.39 10.92
C GLU A 531 19.95 2.00 10.84
N ALA A 532 19.81 3.10 10.11
CA ALA A 532 18.49 3.68 9.88
C ALA A 532 17.61 2.72 9.09
N GLY A 533 18.16 2.16 8.01
CA GLY A 533 17.39 1.23 7.19
C GLY A 533 16.97 0.00 7.97
N GLN A 534 17.85 -0.52 8.83
CA GLN A 534 17.49 -1.67 9.66
C GLN A 534 16.34 -1.34 10.61
N LYS A 535 16.40 -0.16 11.24
CA LYS A 535 15.32 0.22 12.16
C LYS A 535 13.98 0.29 11.44
N LEU A 536 13.96 0.93 10.26
CA LEU A 536 12.75 1.00 9.46
C LEU A 536 12.29 -0.38 9.02
N PHE A 537 13.22 -1.22 8.57
CA PHE A 537 12.87 -2.53 8.04
C PHE A 537 12.21 -3.41 9.10
N ASN A 538 12.66 -3.30 10.35
CA ASN A 538 12.07 -4.11 11.42
C ASN A 538 10.58 -3.83 11.60
N MET A 539 10.11 -2.65 11.18
CA MET A 539 8.68 -2.38 11.19
C MET A 539 8.02 -2.76 9.87
N LEU A 540 8.70 -2.50 8.74
CA LEU A 540 8.13 -2.79 7.44
C LEU A 540 7.74 -4.27 7.32
N ARG A 541 8.67 -5.17 7.65
CA ARG A 541 8.42 -6.60 7.49
C ARG A 541 7.30 -7.12 8.38
N LEU A 542 6.82 -6.33 9.34
CA LEU A 542 5.72 -6.78 10.19
C LEU A 542 4.39 -6.78 9.47
N GLY A 543 4.17 -5.82 8.57
CA GLY A 543 2.84 -5.69 7.98
C GLY A 543 1.80 -5.39 9.05
N LYS A 544 0.65 -6.04 8.91
CA LYS A 544 -0.44 -5.96 9.87
C LYS A 544 -0.37 -7.03 10.95
N SER A 545 0.72 -7.81 10.98
CA SER A 545 0.76 -8.97 11.88
C SER A 545 0.80 -8.54 13.34
N GLU A 546 1.44 -7.41 13.64
CA GLU A 546 1.61 -6.91 14.99
C GLU A 546 0.75 -5.68 15.24
N PRO A 547 0.37 -5.42 16.50
CA PRO A 547 -0.39 -4.21 16.80
C PRO A 547 0.36 -2.97 16.34
N TRP A 548 -0.37 -2.03 15.74
CA TRP A 548 0.29 -0.84 15.21
C TRP A 548 1.07 -0.11 16.30
N THR A 549 0.64 -0.22 17.55
CA THR A 549 1.39 0.40 18.64
C THR A 549 2.77 -0.22 18.79
N LEU A 550 2.86 -1.54 18.66
CA LEU A 550 4.16 -2.21 18.74
C LEU A 550 5.04 -1.86 17.55
N ALA A 551 4.48 -1.97 16.34
CA ALA A 551 5.22 -1.60 15.13
C ALA A 551 5.79 -0.20 15.23
N LEU A 552 5.00 0.74 15.76
CA LEU A 552 5.50 2.10 15.95
C LEU A 552 6.66 2.13 16.93
N GLU A 553 6.56 1.37 18.03
CA GLU A 553 7.62 1.34 19.02
C GLU A 553 8.93 0.80 18.44
N ASN A 554 8.84 -0.14 17.49
CA ASN A 554 10.05 -0.69 16.88
C ASN A 554 10.89 0.42 16.24
N VAL A 555 10.25 1.43 15.66
CA VAL A 555 10.96 2.50 14.99
C VAL A 555 11.34 3.62 15.94
N VAL A 556 10.36 4.11 16.71
CA VAL A 556 10.52 5.34 17.47
C VAL A 556 10.68 5.12 18.97
N GLY A 557 10.42 3.92 19.47
CA GLY A 557 10.59 3.67 20.88
C GLY A 557 9.44 4.10 21.77
N ALA A 558 8.33 4.57 21.18
CA ALA A 558 7.13 4.91 21.91
C ALA A 558 5.95 4.16 21.32
N LYS A 559 4.98 3.84 22.17
CA LYS A 559 3.84 3.03 21.77
C LYS A 559 2.68 3.85 21.21
N ASN A 560 2.78 5.17 21.22
CA ASN A 560 1.63 6.00 20.87
C ASN A 560 2.04 7.15 19.96
N MET A 561 1.05 7.67 19.25
CA MET A 561 1.22 8.86 18.42
C MET A 561 1.74 10.02 19.27
N ASN A 562 2.75 10.73 18.74
CA ASN A 562 3.34 11.86 19.44
C ASN A 562 3.54 13.03 18.48
N VAL A 563 3.31 14.24 18.98
CA VAL A 563 3.36 15.45 18.16
C VAL A 563 4.64 16.25 18.38
N ARG A 564 5.50 15.82 19.32
CA ARG A 564 6.75 16.55 19.54
C ARG A 564 7.70 16.53 18.34
N PRO A 565 7.90 15.41 17.62
CA PRO A 565 8.76 15.50 16.43
C PRO A 565 8.25 16.45 15.36
N LEU A 566 6.93 16.50 15.14
CA LEU A 566 6.36 17.47 14.22
C LEU A 566 6.71 18.90 14.63
N LEU A 567 6.57 19.21 15.91
CA LEU A 567 6.97 20.52 16.41
C LEU A 567 8.48 20.72 16.34
N ASN A 568 9.25 19.64 16.50
CA ASN A 568 10.71 19.73 16.36
C ASN A 568 11.08 20.12 14.94
N TYR A 569 10.47 19.47 13.94
CA TYR A 569 10.74 19.75 12.54
C TYR A 569 10.47 21.21 12.19
N PHE A 570 9.42 21.79 12.75
CA PHE A 570 9.01 23.15 12.42
C PHE A 570 9.49 24.20 13.42
N GLU A 571 10.34 23.82 14.37
CA GLU A 571 10.74 24.79 15.39
C GLU A 571 11.44 26.03 14.83
N PRO A 572 12.33 25.94 13.83
CA PRO A 572 12.90 27.19 13.29
C PRO A 572 11.86 28.15 12.73
N LEU A 573 10.81 27.63 12.09
CA LEU A 573 9.74 28.49 11.60
C LEU A 573 8.91 29.03 12.75
N PHE A 574 8.62 28.19 13.75
CA PHE A 574 7.78 28.61 14.87
C PHE A 574 8.35 29.85 15.56
N THR A 575 9.65 29.86 15.83
CA THR A 575 10.26 31.02 16.46
C THR A 575 10.29 32.22 15.52
N TRP A 576 10.51 31.97 14.23
CA TRP A 576 10.49 33.06 13.26
C TRP A 576 9.09 33.64 13.07
N LEU A 577 8.06 32.78 13.12
CA LEU A 577 6.69 33.28 13.03
C LEU A 577 6.34 34.16 14.22
N LYS A 578 6.67 33.69 15.44
CA LYS A 578 6.34 34.45 16.63
C LYS A 578 6.99 35.82 16.62
N ASP A 579 8.23 35.91 16.13
CA ASP A 579 8.87 37.20 15.99
C ASP A 579 8.25 38.04 14.88
N GLN A 580 7.75 37.39 13.83
CA GLN A 580 7.07 38.14 12.77
C GLN A 580 5.77 38.74 13.27
N ASN A 581 5.01 37.98 14.08
CA ASN A 581 3.70 38.39 14.55
C ASN A 581 3.76 39.24 15.82
N LYS A 582 4.93 39.81 16.15
CA LYS A 582 5.04 40.56 17.39
C LYS A 582 4.19 41.83 17.39
N ASN A 583 3.87 42.36 16.20
CA ASN A 583 2.98 43.51 16.07
C ASN A 583 1.74 43.16 15.24
N SER A 584 1.30 41.90 15.33
CA SER A 584 0.11 41.43 14.66
C SER A 584 -0.82 40.81 15.70
N PHE A 585 -2.10 40.68 15.35
CA PHE A 585 -3.03 39.94 16.20
C PHE A 585 -2.92 38.46 15.88
N VAL A 586 -2.81 37.65 16.92
CA VAL A 586 -2.74 36.19 16.80
C VAL A 586 -4.03 35.60 17.32
N GLY A 587 -4.67 34.76 16.53
CA GLY A 587 -6.01 34.27 16.82
C GLY A 587 -7.03 34.96 15.93
N TRP A 588 -8.27 34.51 16.05
CA TRP A 588 -9.31 35.01 15.16
C TRP A 588 -10.63 35.14 15.92
N SER A 589 -11.43 36.11 15.47
CA SER A 589 -12.78 36.31 15.95
C SER A 589 -13.75 35.59 15.02
N THR A 590 -14.64 34.78 15.59
CA THR A 590 -15.53 33.97 14.76
C THR A 590 -16.75 34.73 14.28
N ASP A 591 -17.03 35.93 14.82
CA ASP A 591 -18.25 36.61 14.44
C ASP A 591 -18.09 37.37 13.12
N TRP A 592 -16.87 37.76 12.76
CA TRP A 592 -16.68 38.48 11.51
C TRP A 592 -16.84 37.53 10.33
N SER A 593 -17.55 38.01 9.31
CA SER A 593 -17.69 37.30 8.05
C SER A 593 -17.59 38.30 6.92
N PRO A 594 -17.14 37.87 5.75
CA PRO A 594 -17.02 38.81 4.62
C PRO A 594 -18.36 39.32 4.11
N TYR A 595 -19.47 38.64 4.38
CA TYR A 595 -20.78 39.16 4.00
C TYR A 595 -21.42 40.00 5.10
N ALA A 596 -20.61 40.59 5.98
CA ALA A 596 -21.08 41.54 7.00
C ALA A 596 -22.27 41.03 7.80
N THR B 15 29.28 -49.05 -25.25
CA THR B 15 29.09 -47.63 -25.02
C THR B 15 27.61 -47.24 -25.08
N ASN B 16 26.85 -47.70 -24.09
CA ASN B 16 25.43 -47.39 -23.98
C ASN B 16 25.27 -46.12 -23.15
N LEU B 17 24.69 -45.08 -23.74
CA LEU B 17 24.56 -43.79 -23.08
C LEU B 17 23.24 -43.71 -22.32
N CYS B 18 23.31 -43.17 -21.10
CA CYS B 18 22.13 -43.16 -20.23
C CYS B 18 21.11 -42.14 -20.74
N PRO B 19 19.81 -42.47 -20.64
CA PRO B 19 18.74 -41.59 -21.17
C PRO B 19 18.47 -40.39 -20.27
N PHE B 20 19.41 -39.44 -20.27
CA PHE B 20 19.19 -38.21 -19.51
C PHE B 20 18.45 -37.16 -20.32
N ASP B 21 18.72 -37.10 -21.63
CA ASP B 21 17.98 -36.22 -22.51
C ASP B 21 16.48 -36.51 -22.46
N GLU B 22 16.12 -37.77 -22.23
CA GLU B 22 14.72 -38.12 -21.95
C GLU B 22 14.20 -37.35 -20.75
N VAL B 23 14.94 -37.36 -19.65
CA VAL B 23 14.44 -36.83 -18.38
C VAL B 23 14.53 -35.31 -18.36
N PHE B 24 15.70 -34.76 -18.65
CA PHE B 24 15.92 -33.33 -18.48
C PHE B 24 15.20 -32.52 -19.56
N ASN B 25 15.35 -32.91 -20.82
CA ASN B 25 14.77 -32.17 -21.93
C ASN B 25 13.34 -32.62 -22.25
N ALA B 26 12.65 -33.23 -21.29
CA ALA B 26 11.26 -33.62 -21.50
C ALA B 26 10.40 -32.40 -21.82
N THR B 27 9.37 -32.62 -22.64
CA THR B 27 8.51 -31.53 -23.06
C THR B 27 7.71 -30.99 -21.88
N ARG B 28 7.14 -31.88 -21.07
CA ARG B 28 6.31 -31.50 -19.94
C ARG B 28 6.73 -32.32 -18.73
N PHE B 29 7.09 -31.62 -17.65
CA PHE B 29 7.40 -32.29 -16.40
C PHE B 29 6.12 -32.66 -15.66
N ALA B 30 6.27 -33.52 -14.66
CA ALA B 30 5.14 -33.98 -13.87
C ALA B 30 4.81 -32.98 -12.77
N SER B 31 3.53 -32.95 -12.39
CA SER B 31 3.14 -32.24 -11.19
C SER B 31 3.81 -32.89 -9.99
N VAL B 32 4.25 -32.06 -9.03
CA VAL B 32 5.11 -32.56 -7.97
C VAL B 32 4.38 -33.58 -7.10
N TYR B 33 3.08 -33.42 -6.91
CA TYR B 33 2.33 -34.41 -6.14
C TYR B 33 2.38 -35.78 -6.82
N ALA B 34 2.35 -35.79 -8.16
CA ALA B 34 2.49 -37.01 -8.94
C ALA B 34 3.86 -37.04 -9.60
N TRP B 35 4.91 -36.83 -8.80
CA TRP B 35 6.26 -36.73 -9.34
C TRP B 35 6.63 -38.00 -10.11
N ASN B 36 7.50 -37.81 -11.10
CA ASN B 36 7.80 -38.85 -12.08
C ASN B 36 9.17 -39.44 -11.78
N ARG B 37 9.24 -40.77 -11.76
CA ARG B 37 10.47 -41.50 -11.48
C ARG B 37 10.87 -42.30 -12.71
N LYS B 38 12.14 -42.14 -13.12
CA LYS B 38 12.70 -42.89 -14.24
C LYS B 38 13.88 -43.70 -13.73
N ARG B 39 13.73 -45.02 -13.71
CA ARG B 39 14.81 -45.90 -13.29
C ARG B 39 15.84 -46.03 -14.40
N ILE B 40 17.11 -45.90 -14.03
CA ILE B 40 18.22 -45.90 -14.98
C ILE B 40 19.14 -47.08 -14.64
N SER B 41 19.50 -47.85 -15.67
CA SER B 41 20.34 -49.01 -15.48
C SER B 41 20.94 -49.42 -16.83
N ASN B 42 22.11 -50.05 -16.77
CA ASN B 42 22.79 -50.61 -17.94
C ASN B 42 23.11 -49.53 -18.96
N CYS B 43 23.92 -48.57 -18.54
CA CYS B 43 24.31 -47.47 -19.43
C CYS B 43 25.48 -46.71 -18.82
N VAL B 44 26.13 -45.93 -19.68
CA VAL B 44 27.25 -45.08 -19.29
C VAL B 44 26.68 -43.70 -18.93
N ALA B 45 26.89 -43.28 -17.69
CA ALA B 45 26.29 -42.05 -17.18
C ALA B 45 27.29 -40.91 -17.36
N ASP B 46 26.99 -40.02 -18.31
CA ASP B 46 27.84 -38.86 -18.58
C ASP B 46 27.33 -37.66 -17.77
N TYR B 47 27.55 -37.75 -16.46
CA TYR B 47 27.12 -36.68 -15.55
C TYR B 47 27.79 -35.37 -15.89
N SER B 48 29.10 -35.41 -16.19
CA SER B 48 29.89 -34.20 -16.37
C SER B 48 29.39 -33.32 -17.52
N VAL B 49 28.45 -33.81 -18.33
CA VAL B 49 27.81 -32.97 -19.33
C VAL B 49 26.34 -32.83 -18.99
N LEU B 50 26.03 -31.99 -18.02
CA LEU B 50 24.67 -31.62 -17.67
C LEU B 50 24.48 -30.11 -17.65
N TYR B 51 25.54 -29.35 -17.91
CA TYR B 51 25.55 -27.89 -17.77
C TYR B 51 25.10 -27.21 -19.05
N ASN B 52 23.99 -27.69 -19.61
CA ASN B 52 23.48 -27.21 -20.90
C ASN B 52 22.10 -26.59 -20.75
N LEU B 53 21.90 -25.81 -19.70
CA LEU B 53 20.65 -25.11 -19.44
C LEU B 53 20.94 -23.63 -19.24
N ALA B 54 19.87 -22.85 -19.06
CA ALA B 54 20.00 -21.42 -18.79
C ALA B 54 20.57 -21.24 -17.39
N PRO B 55 21.89 -20.92 -17.29
CA PRO B 55 22.65 -21.15 -16.05
C PRO B 55 21.88 -21.78 -14.91
N PHE B 56 21.72 -23.11 -15.00
CA PHE B 56 20.83 -23.86 -14.11
C PHE B 56 21.10 -23.52 -12.65
N PHE B 57 20.07 -22.94 -12.01
CA PHE B 57 20.24 -22.16 -10.80
C PHE B 57 20.66 -22.99 -9.60
N THR B 58 20.62 -24.32 -9.69
CA THR B 58 20.94 -25.16 -8.54
C THR B 58 21.61 -26.45 -9.01
N PHE B 59 22.64 -26.87 -8.27
CA PHE B 59 23.24 -28.20 -8.43
C PHE B 59 23.97 -28.50 -7.11
N LYS B 60 23.27 -29.17 -6.21
CA LYS B 60 23.79 -29.47 -4.88
C LYS B 60 23.65 -30.96 -4.63
N CYS B 61 24.73 -31.60 -4.21
CA CYS B 61 24.77 -33.03 -3.99
C CYS B 61 24.97 -33.33 -2.51
N TYR B 62 24.48 -34.50 -2.10
CA TYR B 62 24.54 -34.95 -0.71
C TYR B 62 25.08 -36.36 -0.70
N GLY B 63 26.05 -36.63 0.17
CA GLY B 63 26.60 -37.97 0.28
C GLY B 63 27.77 -38.21 -0.66
N VAL B 64 27.60 -37.84 -1.93
CA VAL B 64 28.66 -37.97 -2.93
C VAL B 64 29.09 -36.57 -3.35
N SER B 65 30.19 -36.51 -4.11
CA SER B 65 30.73 -35.24 -4.56
C SER B 65 30.40 -35.03 -6.03
N PRO B 66 29.87 -33.85 -6.41
CA PRO B 66 29.72 -33.56 -7.84
C PRO B 66 31.03 -33.24 -8.52
N THR B 67 32.09 -32.98 -7.75
CA THR B 67 33.37 -32.53 -8.28
C THR B 67 34.09 -33.69 -8.96
N LYS B 68 33.63 -34.01 -10.16
CA LYS B 68 34.25 -35.02 -11.03
C LYS B 68 34.41 -36.36 -10.31
N LEU B 69 33.41 -36.73 -9.52
CA LEU B 69 33.36 -38.05 -8.89
C LEU B 69 32.45 -39.00 -9.65
N ASN B 70 32.38 -38.87 -10.97
CA ASN B 70 31.70 -39.85 -11.81
C ASN B 70 32.61 -41.01 -12.18
N ASP B 71 33.67 -41.24 -11.41
CA ASP B 71 34.46 -42.47 -11.48
C ASP B 71 33.93 -43.55 -10.56
N LEU B 72 32.61 -43.55 -10.31
CA LEU B 72 31.98 -44.36 -9.29
C LEU B 72 30.85 -45.16 -9.92
N CYS B 73 30.61 -46.35 -9.40
CA CYS B 73 29.61 -47.28 -9.91
C CYS B 73 28.47 -47.45 -8.92
N PHE B 74 27.25 -47.50 -9.45
CA PHE B 74 26.06 -47.70 -8.64
C PHE B 74 25.19 -48.81 -9.25
N THR B 75 24.39 -49.44 -8.38
CA THR B 75 23.52 -50.52 -8.82
C THR B 75 22.41 -50.00 -9.72
N ASN B 76 21.57 -49.11 -9.20
CA ASN B 76 20.52 -48.46 -9.97
C ASN B 76 20.53 -46.97 -9.65
N VAL B 77 20.14 -46.16 -10.63
CA VAL B 77 19.99 -44.72 -10.45
C VAL B 77 18.57 -44.35 -10.79
N TYR B 78 17.93 -43.59 -9.91
CA TYR B 78 16.55 -43.16 -10.08
C TYR B 78 16.52 -41.67 -10.35
N ALA B 79 15.86 -41.29 -11.44
CA ALA B 79 15.69 -39.89 -11.82
C ALA B 79 14.26 -39.47 -11.50
N ASP B 80 14.11 -38.51 -10.60
CA ASP B 80 12.81 -37.98 -10.20
C ASP B 80 12.67 -36.56 -10.70
N SER B 81 11.56 -36.25 -11.36
CA SER B 81 11.35 -34.96 -12.00
C SER B 81 9.98 -34.40 -11.68
N PHE B 82 9.92 -33.07 -11.49
CA PHE B 82 8.68 -32.38 -11.17
C PHE B 82 8.90 -30.88 -11.34
N VAL B 83 7.84 -30.11 -11.12
CA VAL B 83 7.88 -28.66 -11.25
C VAL B 83 7.31 -28.04 -9.99
N ILE B 84 8.07 -27.11 -9.40
CA ILE B 84 7.64 -26.32 -8.26
C ILE B 84 8.03 -24.86 -8.51
N ARG B 85 7.70 -23.99 -7.56
CA ARG B 85 8.08 -22.60 -7.69
C ARG B 85 9.43 -22.35 -6.99
N GLY B 86 10.05 -21.23 -7.35
CA GLY B 86 11.40 -20.94 -6.87
C GLY B 86 11.53 -21.00 -5.37
N ASP B 87 10.56 -20.44 -4.65
CA ASP B 87 10.60 -20.48 -3.19
C ASP B 87 10.69 -21.91 -2.66
N GLU B 88 10.02 -22.85 -3.33
CA GLU B 88 9.89 -24.19 -2.80
C GLU B 88 11.09 -25.08 -3.09
N VAL B 89 12.07 -24.60 -3.88
CA VAL B 89 13.23 -25.42 -4.21
C VAL B 89 14.08 -25.69 -2.97
N ARG B 90 14.06 -24.79 -2.00
CA ARG B 90 14.80 -25.01 -0.76
C ARG B 90 14.28 -26.20 0.01
N GLN B 91 13.08 -26.69 -0.30
CA GLN B 91 12.50 -27.83 0.39
C GLN B 91 12.92 -29.17 -0.21
N ILE B 92 13.60 -29.17 -1.35
CA ILE B 92 14.09 -30.40 -1.96
C ILE B 92 15.51 -30.65 -1.44
N ALA B 93 15.58 -31.01 -0.17
CA ALA B 93 16.85 -31.23 0.53
C ALA B 93 16.56 -32.05 1.78
N PRO B 94 17.55 -32.77 2.31
CA PRO B 94 17.32 -33.55 3.53
C PRO B 94 16.99 -32.65 4.72
N GLY B 95 15.98 -33.05 5.48
CA GLY B 95 15.63 -32.35 6.71
C GLY B 95 15.01 -30.99 6.51
N GLN B 96 14.06 -30.89 5.57
CA GLN B 96 13.33 -29.66 5.34
C GLN B 96 11.84 -29.92 5.52
N THR B 97 11.10 -28.88 5.88
CA THR B 97 9.67 -28.97 6.05
C THR B 97 8.97 -27.88 5.25
N GLY B 98 7.71 -28.12 4.96
CA GLY B 98 6.94 -27.28 4.07
C GLY B 98 5.94 -28.10 3.30
N ASN B 99 5.01 -27.41 2.63
CA ASN B 99 3.97 -28.11 1.90
C ASN B 99 4.53 -29.15 0.94
N ILE B 100 5.64 -28.83 0.27
CA ILE B 100 6.23 -29.76 -0.68
C ILE B 100 6.87 -30.94 0.03
N ALA B 101 7.82 -30.67 0.92
CA ALA B 101 8.55 -31.74 1.60
C ALA B 101 7.66 -32.58 2.50
N ASP B 102 6.55 -32.03 2.99
CA ASP B 102 5.65 -32.79 3.85
C ASP B 102 4.58 -33.54 3.07
N TYR B 103 4.07 -32.95 1.98
CA TYR B 103 2.90 -33.48 1.30
C TYR B 103 3.12 -33.89 -0.15
N ASN B 104 4.28 -33.60 -0.75
CA ASN B 104 4.45 -33.92 -2.16
C ASN B 104 5.68 -34.79 -2.42
N TYR B 105 6.86 -34.31 -2.00
CA TYR B 105 8.09 -35.03 -2.31
C TYR B 105 9.07 -34.84 -1.17
N LYS B 106 9.45 -35.94 -0.51
CA LYS B 106 10.26 -35.90 0.70
C LYS B 106 11.54 -36.68 0.51
N LEU B 107 12.68 -36.04 0.79
CA LEU B 107 13.99 -36.67 0.80
C LEU B 107 14.35 -37.14 2.20
N PRO B 108 14.97 -38.31 2.31
CA PRO B 108 15.32 -38.86 3.63
C PRO B 108 16.50 -38.13 4.24
N ASP B 109 16.64 -38.31 5.56
CA ASP B 109 17.73 -37.68 6.29
C ASP B 109 19.09 -38.13 5.76
N ASP B 110 19.25 -39.42 5.50
CA ASP B 110 20.49 -39.98 4.97
C ASP B 110 20.54 -39.99 3.45
N PHE B 111 20.02 -38.94 2.80
CA PHE B 111 19.92 -38.92 1.36
C PHE B 111 21.30 -38.88 0.72
N THR B 112 21.47 -39.69 -0.32
CA THR B 112 22.70 -39.73 -1.11
C THR B 112 22.32 -39.50 -2.56
N GLY B 113 22.69 -38.35 -3.11
CA GLY B 113 22.33 -38.04 -4.48
C GLY B 113 22.55 -36.57 -4.76
N CYS B 114 21.80 -36.06 -5.74
CA CYS B 114 21.94 -34.68 -6.17
C CYS B 114 20.57 -34.10 -6.50
N VAL B 115 20.45 -32.79 -6.30
CA VAL B 115 19.25 -32.04 -6.65
C VAL B 115 19.63 -31.01 -7.69
N ILE B 116 19.02 -31.09 -8.86
CA ILE B 116 19.26 -30.16 -9.96
C ILE B 116 17.97 -29.39 -10.22
N ALA B 117 18.07 -28.07 -10.35
CA ALA B 117 16.90 -27.25 -10.60
C ALA B 117 17.30 -26.07 -11.48
N TRP B 118 16.38 -25.64 -12.32
CA TRP B 118 16.60 -24.48 -13.17
C TRP B 118 15.27 -23.78 -13.42
N ASN B 119 15.33 -22.49 -13.68
CA ASN B 119 14.14 -21.71 -13.97
C ASN B 119 13.59 -22.09 -15.34
N SER B 120 12.30 -22.41 -15.39
CA SER B 120 11.63 -22.79 -16.63
C SER B 120 10.47 -21.85 -16.95
N ASN B 121 10.63 -20.57 -16.61
CA ASN B 121 9.56 -19.59 -16.83
C ASN B 121 9.19 -19.50 -18.30
N LYS B 122 10.17 -19.61 -19.21
CA LYS B 122 9.88 -19.44 -20.63
C LYS B 122 9.02 -20.58 -21.16
N LEU B 123 9.03 -21.73 -20.52
CA LEU B 123 8.27 -22.89 -20.99
C LEU B 123 7.00 -23.14 -20.19
N ASP B 124 7.04 -22.97 -18.87
CA ASP B 124 5.95 -23.40 -18.01
C ASP B 124 5.08 -22.26 -17.52
N SER B 125 5.32 -21.03 -17.99
CA SER B 125 4.46 -19.90 -17.72
C SER B 125 3.60 -19.59 -18.94
N LYS B 126 2.50 -18.88 -18.71
CA LYS B 126 1.55 -18.57 -19.77
C LYS B 126 0.69 -17.40 -19.33
N VAL B 127 0.36 -16.51 -20.27
CA VAL B 127 -0.25 -15.22 -19.93
C VAL B 127 -1.61 -15.43 -19.26
N SER B 128 -2.39 -16.40 -19.72
CA SER B 128 -3.65 -16.69 -19.04
C SER B 128 -3.46 -17.47 -17.75
N GLY B 129 -2.24 -17.93 -17.47
CA GLY B 129 -1.99 -18.73 -16.29
C GLY B 129 -2.00 -20.21 -16.58
N ASN B 130 -0.87 -20.87 -16.33
CA ASN B 130 -0.73 -22.29 -16.62
C ASN B 130 -1.17 -23.08 -15.38
N TYR B 131 -2.35 -23.68 -15.45
CA TYR B 131 -2.88 -24.48 -14.37
C TYR B 131 -2.60 -25.97 -14.51
N ASN B 132 -1.70 -26.34 -15.42
CA ASN B 132 -1.36 -27.75 -15.60
C ASN B 132 -0.67 -28.32 -14.36
N TYR B 133 0.21 -27.54 -13.74
CA TYR B 133 1.04 -28.03 -12.64
C TYR B 133 0.29 -27.86 -11.32
N LEU B 134 0.17 -28.96 -10.57
CA LEU B 134 -0.50 -28.96 -9.28
C LEU B 134 0.47 -29.34 -8.18
N TYR B 135 -0.01 -29.21 -6.94
CA TYR B 135 0.72 -29.65 -5.76
C TYR B 135 -0.31 -29.92 -4.66
N ARG B 136 0.08 -30.76 -3.70
CA ARG B 136 -0.82 -31.17 -2.63
C ARG B 136 -0.75 -30.20 -1.47
N LEU B 137 -1.91 -29.66 -1.07
CA LEU B 137 -1.97 -28.66 -0.02
C LEU B 137 -2.38 -29.22 1.34
N PHE B 138 -3.18 -30.28 1.38
CA PHE B 138 -3.67 -30.87 2.62
C PHE B 138 -3.39 -32.36 2.66
N ARG B 139 -3.06 -32.87 3.83
CA ARG B 139 -2.87 -34.30 4.02
C ARG B 139 -2.98 -34.62 5.51
N LYS B 140 -3.43 -35.83 5.81
CA LYS B 140 -3.58 -36.25 7.21
C LYS B 140 -2.23 -36.30 7.91
N SER B 141 -1.17 -36.62 7.19
CA SER B 141 0.15 -36.75 7.79
C SER B 141 1.20 -36.49 6.72
N ASN B 142 2.45 -36.37 7.17
CA ASN B 142 3.56 -36.15 6.27
C ASN B 142 3.88 -37.41 5.47
N LEU B 143 4.68 -37.26 4.42
CA LEU B 143 5.08 -38.37 3.58
C LEU B 143 6.34 -39.03 4.10
N LYS B 144 6.41 -40.35 3.98
CA LYS B 144 7.66 -41.05 4.17
C LYS B 144 8.61 -40.70 3.02
N PRO B 145 9.92 -40.84 3.22
CA PRO B 145 10.86 -40.54 2.13
C PRO B 145 10.56 -41.32 0.87
N PHE B 146 10.56 -40.61 -0.26
CA PHE B 146 10.34 -41.16 -1.59
C PHE B 146 8.95 -41.77 -1.79
N GLU B 147 7.97 -41.34 -1.00
CA GLU B 147 6.59 -41.77 -1.17
C GLU B 147 5.90 -40.87 -2.18
N ARG B 148 4.83 -41.39 -2.79
CA ARG B 148 4.02 -40.67 -3.75
C ARG B 148 2.55 -40.90 -3.45
N ASP B 149 1.80 -39.81 -3.30
CA ASP B 149 0.36 -39.86 -3.07
C ASP B 149 -0.32 -39.07 -4.19
N ILE B 150 -1.10 -39.76 -5.00
CA ILE B 150 -1.87 -39.13 -6.08
C ILE B 150 -3.37 -39.19 -5.79
N SER B 151 -3.76 -39.41 -4.54
CA SER B 151 -5.16 -39.54 -4.18
C SER B 151 -5.88 -38.20 -4.31
N THR B 152 -7.07 -38.23 -4.89
CA THR B 152 -7.91 -37.06 -5.04
C THR B 152 -9.11 -37.09 -4.09
N GLU B 153 -8.94 -37.75 -2.94
CA GLU B 153 -10.01 -37.83 -1.95
C GLU B 153 -10.12 -36.52 -1.18
N ILE B 154 -11.35 -36.06 -0.97
CA ILE B 154 -11.58 -34.77 -0.33
C ILE B 154 -11.05 -34.82 1.10
N TYR B 155 -10.23 -33.82 1.45
CA TYR B 155 -9.64 -33.74 2.78
C TYR B 155 -10.70 -33.32 3.80
N GLN B 156 -10.86 -34.12 4.84
CA GLN B 156 -11.84 -33.83 5.90
C GLN B 156 -11.15 -32.99 6.96
N ALA B 157 -11.40 -31.67 6.94
CA ALA B 157 -10.82 -30.76 7.91
C ALA B 157 -11.69 -30.60 9.14
N GLY B 158 -13.00 -30.75 9.00
CA GLY B 158 -13.92 -30.74 10.12
C GLY B 158 -14.12 -32.13 10.68
N ASN B 159 -15.24 -32.27 11.40
CA ASN B 159 -15.59 -33.55 12.00
C ASN B 159 -16.79 -34.21 11.34
N LYS B 160 -17.45 -33.52 10.40
CA LYS B 160 -18.49 -34.13 9.58
C LYS B 160 -17.85 -34.83 8.39
N PRO B 161 -18.45 -35.92 7.91
CA PRO B 161 -17.94 -36.56 6.69
C PRO B 161 -18.17 -35.69 5.47
N CYS B 162 -17.32 -35.88 4.46
CA CYS B 162 -17.31 -34.99 3.30
C CYS B 162 -18.17 -35.49 2.15
N ASN B 163 -18.37 -36.81 2.05
CA ASN B 163 -19.21 -37.42 1.01
C ASN B 163 -18.67 -37.13 -0.39
N GLY B 164 -17.36 -36.97 -0.51
CA GLY B 164 -16.71 -36.87 -1.81
C GLY B 164 -17.00 -35.61 -2.59
N VAL B 165 -17.36 -34.52 -1.93
CA VAL B 165 -17.62 -33.25 -2.60
C VAL B 165 -17.04 -32.11 -1.78
N ALA B 166 -16.70 -31.02 -2.46
CA ALA B 166 -16.11 -29.88 -1.79
C ALA B 166 -17.20 -29.08 -1.06
N GLY B 167 -16.86 -28.62 0.13
CA GLY B 167 -17.80 -27.85 0.91
C GLY B 167 -17.14 -27.31 2.16
N PHE B 168 -17.97 -26.87 3.10
CA PHE B 168 -17.47 -26.34 4.36
C PHE B 168 -16.63 -27.40 5.06
N ASN B 169 -15.39 -27.03 5.39
CA ASN B 169 -14.43 -27.92 6.05
C ASN B 169 -14.13 -29.20 5.26
N CYS B 170 -14.36 -29.17 3.95
CA CYS B 170 -14.10 -30.32 3.08
C CYS B 170 -13.44 -29.79 1.82
N TYR B 171 -12.13 -29.95 1.71
CA TYR B 171 -11.34 -29.31 0.67
C TYR B 171 -10.74 -30.36 -0.27
N PHE B 172 -10.78 -30.06 -1.57
CA PHE B 172 -10.03 -30.83 -2.56
C PHE B 172 -8.55 -30.73 -2.25
N PRO B 173 -7.85 -31.84 -2.03
CA PRO B 173 -6.49 -31.77 -1.46
C PRO B 173 -5.46 -31.14 -2.38
N LEU B 174 -5.75 -30.98 -3.67
CA LEU B 174 -4.78 -30.48 -4.63
C LEU B 174 -5.11 -29.04 -5.03
N ARG B 175 -4.06 -28.26 -5.27
CA ARG B 175 -4.19 -26.87 -5.71
C ARG B 175 -3.19 -26.62 -6.82
N SER B 176 -3.41 -25.55 -7.58
CA SER B 176 -2.68 -25.28 -8.81
C SER B 176 -1.75 -24.08 -8.67
N TYR B 177 -0.66 -24.10 -9.45
CA TYR B 177 0.37 -23.07 -9.38
C TYR B 177 0.07 -21.82 -10.18
N SER B 178 -0.81 -21.90 -11.18
CA SER B 178 -1.27 -20.73 -11.95
C SER B 178 -0.11 -19.87 -12.44
N PHE B 179 0.86 -20.53 -13.10
CA PHE B 179 2.09 -19.89 -13.52
C PHE B 179 1.84 -18.84 -14.60
N ARG B 180 2.21 -17.60 -14.31
CA ARG B 180 2.17 -16.52 -15.28
C ARG B 180 3.57 -15.95 -15.44
N PRO B 181 3.94 -15.47 -16.65
CA PRO B 181 5.34 -15.06 -16.88
C PRO B 181 5.75 -13.82 -16.10
N THR B 182 4.80 -13.02 -15.63
CA THR B 182 5.10 -11.80 -14.90
C THR B 182 5.24 -12.00 -13.39
N TYR B 183 5.10 -13.24 -12.90
CA TYR B 183 5.32 -13.50 -11.50
C TYR B 183 6.76 -13.17 -11.11
N GLY B 184 6.97 -12.89 -9.84
CA GLY B 184 8.32 -12.77 -9.32
C GLY B 184 9.06 -14.09 -9.40
N VAL B 185 10.38 -14.03 -9.19
CA VAL B 185 11.22 -15.22 -9.33
C VAL B 185 10.83 -16.30 -8.32
N GLY B 186 10.45 -15.89 -7.11
CA GLY B 186 10.04 -16.84 -6.09
C GLY B 186 8.77 -17.61 -6.43
N HIS B 187 7.93 -17.08 -7.32
CA HIS B 187 6.69 -17.74 -7.73
C HIS B 187 6.76 -18.26 -9.15
N GLN B 188 7.93 -18.22 -9.78
CA GLN B 188 8.06 -18.72 -11.13
C GLN B 188 8.31 -20.22 -11.12
N PRO B 189 8.00 -20.91 -12.23
CA PRO B 189 8.19 -22.36 -12.26
C PRO B 189 9.65 -22.72 -12.35
N TYR B 190 10.04 -23.72 -11.56
CA TYR B 190 11.36 -24.32 -11.64
C TYR B 190 11.21 -25.82 -11.89
N ARG B 191 12.00 -26.33 -12.83
CA ARG B 191 12.06 -27.77 -13.07
C ARG B 191 13.16 -28.39 -12.23
N VAL B 192 12.86 -29.52 -11.62
CA VAL B 192 13.76 -30.19 -10.69
C VAL B 192 13.99 -31.61 -11.14
N VAL B 193 15.24 -32.07 -11.06
CA VAL B 193 15.60 -33.46 -11.31
C VAL B 193 16.40 -33.95 -10.10
N VAL B 194 15.91 -35.01 -9.46
CA VAL B 194 16.52 -35.57 -8.25
C VAL B 194 17.13 -36.90 -8.61
N LEU B 195 18.47 -36.97 -8.62
CA LEU B 195 19.20 -38.19 -8.91
C LEU B 195 19.47 -38.93 -7.61
N SER B 196 18.82 -40.08 -7.43
CA SER B 196 19.00 -40.92 -6.25
C SER B 196 19.93 -42.07 -6.61
N PHE B 197 21.07 -42.14 -5.93
CA PHE B 197 22.08 -43.16 -6.18
C PHE B 197 21.91 -44.31 -5.20
N GLU B 198 21.79 -45.52 -5.73
CA GLU B 198 21.54 -46.71 -4.94
C GLU B 198 22.78 -47.60 -4.91
N LEU B 199 23.01 -48.23 -3.76
CA LEU B 199 24.13 -49.15 -3.57
C LEU B 199 23.60 -50.38 -2.85
N LEU B 200 23.31 -51.43 -3.63
CA LEU B 200 22.80 -52.69 -3.13
C LEU B 200 23.92 -53.71 -3.16
N HIS B 201 23.72 -54.84 -2.48
CA HIS B 201 24.68 -55.94 -2.55
C HIS B 201 24.40 -56.75 -3.82
N ALA B 202 24.69 -56.11 -4.95
CA ALA B 202 24.43 -56.66 -6.26
C ALA B 202 25.39 -55.97 -7.23
N PRO B 203 25.65 -56.56 -8.41
CA PRO B 203 26.63 -55.96 -9.32
C PRO B 203 26.20 -54.59 -9.81
N ALA B 204 27.16 -53.67 -9.81
CA ALA B 204 26.91 -52.35 -10.38
C ALA B 204 26.60 -52.50 -11.85
N THR B 205 25.50 -51.88 -12.29
CA THR B 205 25.15 -51.82 -13.70
C THR B 205 25.34 -50.44 -14.29
N VAL B 206 25.67 -49.44 -13.46
CA VAL B 206 25.73 -48.05 -13.92
C VAL B 206 27.05 -47.45 -13.46
N CYS B 207 28.00 -47.34 -14.39
CA CYS B 207 29.29 -46.68 -14.21
C CYS B 207 29.38 -45.68 -15.36
N GLY B 208 29.92 -44.50 -15.09
CA GLY B 208 29.89 -43.45 -16.10
C GLY B 208 31.21 -42.78 -16.38
N PRO B 209 31.94 -43.27 -17.40
CA PRO B 209 33.13 -42.51 -17.82
C PRO B 209 32.83 -41.50 -18.93
#